data_5BKA
#
_entry.id   5BKA
#
_cell.length_a   82.266
_cell.length_b   52.916
_cell.length_c   98.931
_cell.angle_alpha   90.000
_cell.angle_beta   104.330
_cell.angle_gamma   90.000
#
_symmetry.space_group_name_H-M   'P 1 2 1'
#
loop_
_entity.id
_entity.type
_entity.pdbx_description
1 polymer 'Hydroxylacyl-CoA dehydrogenase'
2 water water
#
_entity_poly.entity_id   1
_entity_poly.type   'polypeptide(L)'
_entity_poly.pdbx_seq_one_letter_code
;(MSE)TITALPTGLYAEVLSFYGHQ(MSE)QKLDGRDFAGYAATFTEDGEFRHSPSLPAAHTRAGITAVLEDFHRKFDAR
KIQRRHWFDHTALSQASDGSITATSYCLVLTVHADVKAPEFGPSCLVHDVLVRGADGELLLRSRHVTHDHVFPA
;
_entity_poly.pdbx_strand_id   A,B,C,D,E,F
#
# COMPACT_ATOMS: atom_id res chain seq x y z
N THR A 2 -12.94 2.49 -45.89
CA THR A 2 -14.09 2.47 -46.80
C THR A 2 -15.13 3.50 -46.37
N ILE A 3 -16.18 3.67 -47.19
CA ILE A 3 -17.06 4.81 -47.02
C ILE A 3 -17.93 4.68 -45.77
N THR A 4 -18.21 3.46 -45.33
CA THR A 4 -19.04 3.25 -44.15
C THR A 4 -18.24 3.12 -42.87
N ALA A 5 -16.91 3.13 -42.96
CA ALA A 5 -16.08 2.97 -41.77
C ALA A 5 -16.14 4.19 -40.88
N LEU A 6 -16.03 3.97 -39.58
CA LEU A 6 -15.99 5.02 -38.60
C LEU A 6 -14.58 5.60 -38.50
N PRO A 7 -14.43 6.82 -37.99
CA PRO A 7 -13.09 7.41 -37.89
C PRO A 7 -12.20 6.63 -36.93
N THR A 8 -10.92 6.52 -37.29
CA THR A 8 -9.97 5.78 -36.47
C THR A 8 -9.71 6.48 -35.14
N GLY A 9 -9.76 7.81 -35.12
CA GLY A 9 -9.59 8.53 -33.87
C GLY A 9 -10.64 8.16 -32.84
N LEU A 10 -11.87 7.91 -33.30
CA LEU A 10 -12.93 7.50 -32.39
C LEU A 10 -12.62 6.14 -31.78
N TYR A 11 -12.04 5.22 -32.57
CA TYR A 11 -11.75 3.89 -32.08
C TYR A 11 -10.72 3.93 -30.95
N ALA A 12 -9.64 4.69 -31.15
CA ALA A 12 -8.65 4.85 -30.10
C ALA A 12 -9.26 5.55 -28.89
N GLU A 13 -10.16 6.49 -29.12
CA GLU A 13 -10.82 7.19 -28.01
C GLU A 13 -11.64 6.23 -27.17
N VAL A 14 -12.28 5.25 -27.81
CA VAL A 14 -13.08 4.27 -27.08
C VAL A 14 -12.17 3.37 -26.24
N LEU A 15 -11.05 2.94 -26.81
CA LEU A 15 -10.10 2.14 -26.05
C LEU A 15 -9.56 2.90 -24.83
N SER A 16 -9.20 4.17 -25.02
CA SER A 16 -8.77 4.99 -23.90
C SER A 16 -9.89 5.15 -22.87
N PHE A 17 -11.11 5.41 -23.35
CA PHE A 17 -12.27 5.47 -22.47
C PHE A 17 -12.38 4.22 -21.62
N TYR A 18 -12.24 3.05 -22.25
CA TYR A 18 -12.31 1.79 -21.51
C TYR A 18 -11.15 1.65 -20.54
N GLY A 19 -9.96 2.10 -20.94
CA GLY A 19 -8.80 1.96 -20.06
C GLY A 19 -8.95 2.69 -18.75
N HIS A 20 -9.35 3.97 -18.81
CA HIS A 20 -9.60 4.71 -17.58
C HIS A 20 -10.78 4.13 -16.83
N GLN A 21 -11.84 3.74 -17.55
CA GLN A 21 -13.07 3.27 -16.91
C GLN A 21 -12.84 2.04 -16.06
N MSE A 22 -12.23 1.00 -16.63
CA MSE A 22 -12.07 -0.28 -15.93
C MSE A 22 -11.09 -0.19 -14.77
O MSE A 22 -11.20 -0.95 -13.80
CB MSE A 22 -11.62 -1.38 -16.92
CG MSE A 22 -12.60 -1.65 -18.04
SE MSE A 22 -14.48 -1.55 -17.49
CE MSE A 22 -14.73 -3.32 -16.78
N GLN A 23 -10.12 0.72 -14.86
CA GLN A 23 -9.15 0.87 -13.78
C GLN A 23 -9.79 1.46 -12.53
N LYS A 24 -10.77 2.34 -12.73
CA LYS A 24 -11.53 2.86 -11.60
C LYS A 24 -12.33 1.74 -10.93
N LEU A 25 -13.05 0.96 -11.73
CA LEU A 25 -13.81 -0.19 -11.23
C LEU A 25 -12.93 -1.16 -10.47
N ASP A 26 -11.81 -1.56 -11.08
CA ASP A 26 -10.91 -2.53 -10.44
C ASP A 26 -10.20 -1.93 -9.23
N GLY A 27 -10.10 -0.62 -9.15
CA GLY A 27 -9.58 0.06 -7.98
C GLY A 27 -10.64 0.35 -6.95
N ARG A 28 -11.80 -0.28 -7.10
CA ARG A 28 -12.96 -0.08 -6.21
C ARG A 28 -13.36 1.39 -6.12
N ASP A 29 -13.17 2.13 -7.22
CA ASP A 29 -13.72 3.49 -7.33
C ASP A 29 -15.07 3.40 -8.02
N PHE A 30 -16.04 2.87 -7.26
CA PHE A 30 -17.35 2.57 -7.82
C PHE A 30 -18.10 3.82 -8.27
N ALA A 31 -17.94 4.95 -7.56
CA ALA A 31 -18.57 6.18 -7.99
C ALA A 31 -17.93 6.71 -9.28
N GLY A 32 -16.60 6.65 -9.39
CA GLY A 32 -15.95 7.08 -10.62
C GLY A 32 -16.34 6.26 -11.82
N TYR A 33 -16.49 4.94 -11.64
CA TYR A 33 -16.95 4.08 -12.72
C TYR A 33 -18.37 4.45 -13.13
N ALA A 34 -19.27 4.61 -12.16
CA ALA A 34 -20.63 5.01 -12.46
C ALA A 34 -20.68 6.38 -13.13
N ALA A 35 -19.69 7.23 -12.86
CA ALA A 35 -19.64 8.54 -13.49
C ALA A 35 -19.38 8.46 -14.99
N THR A 36 -18.90 7.33 -15.48
CA THR A 36 -18.74 7.14 -16.91
C THR A 36 -20.05 6.77 -17.60
N PHE A 37 -21.12 6.61 -16.83
CA PHE A 37 -22.46 6.44 -17.37
C PHE A 37 -23.15 7.80 -17.42
N THR A 38 -24.18 7.89 -18.27
CA THR A 38 -25.06 9.05 -18.25
C THR A 38 -25.86 9.10 -16.96
N GLY A 41 -28.29 6.05 -17.14
CA GLY A 41 -27.67 4.86 -17.67
C GLY A 41 -28.07 3.58 -16.99
N GLU A 42 -28.21 2.50 -17.75
CA GLU A 42 -28.67 1.28 -17.10
C GLU A 42 -27.57 0.24 -17.25
N PHE A 43 -27.53 -0.71 -16.32
CA PHE A 43 -26.46 -1.70 -16.34
C PHE A 43 -27.02 -3.12 -16.30
N ALA A 51 -31.90 -5.11 -13.74
CA ALA A 51 -30.77 -4.24 -14.03
C ALA A 51 -30.89 -2.92 -13.27
N ALA A 52 -29.75 -2.37 -12.85
CA ALA A 52 -29.69 -1.11 -12.13
C ALA A 52 -29.81 0.11 -13.05
N HIS A 53 -30.35 1.19 -12.48
CA HIS A 53 -30.61 2.42 -13.22
C HIS A 53 -29.95 3.61 -12.54
N THR A 54 -29.45 4.54 -13.35
CA THR A 54 -28.77 5.77 -12.93
C THR A 54 -27.50 5.45 -12.16
N ARG A 55 -26.61 6.44 -12.06
CA ARG A 55 -25.29 6.24 -11.45
C ARG A 55 -25.40 5.79 -9.99
N ALA A 56 -26.33 6.38 -9.23
CA ALA A 56 -26.48 6.00 -7.83
C ALA A 56 -26.88 4.54 -7.67
N GLY A 57 -27.79 4.06 -8.52
CA GLY A 57 -28.16 2.66 -8.50
C GLY A 57 -27.01 1.75 -8.88
N ILE A 58 -26.22 2.16 -9.88
CA ILE A 58 -25.08 1.36 -10.32
C ILE A 58 -24.03 1.27 -9.22
N THR A 59 -23.73 2.41 -8.58
CA THR A 59 -22.76 2.41 -7.49
C THR A 59 -23.19 1.47 -6.37
N ALA A 60 -24.47 1.53 -5.98
CA ALA A 60 -24.98 0.69 -4.91
C ALA A 60 -24.84 -0.80 -5.26
N VAL A 61 -25.23 -1.18 -6.48
CA VAL A 61 -25.14 -2.57 -6.91
C VAL A 61 -23.70 -3.06 -6.84
N LEU A 62 -22.73 -2.21 -7.18
CA LEU A 62 -21.34 -2.65 -7.20
C LEU A 62 -20.87 -3.05 -5.81
N GLU A 63 -21.21 -2.26 -4.82
CA GLU A 63 -20.98 -2.62 -3.44
C GLU A 63 -21.70 -3.90 -3.00
N LYS A 73 -6.74 -8.74 0.34
CA LYS A 73 -7.51 -9.95 0.12
C LYS A 73 -7.55 -10.33 -1.36
N ILE A 74 -8.37 -9.61 -2.12
CA ILE A 74 -8.62 -9.91 -3.53
C ILE A 74 -8.43 -8.64 -4.35
N GLN A 75 -7.82 -8.79 -5.52
CA GLN A 75 -7.69 -7.71 -6.49
C GLN A 75 -8.18 -8.22 -7.83
N ARG A 76 -9.23 -7.59 -8.36
CA ARG A 76 -9.84 -7.99 -9.62
C ARG A 76 -9.32 -7.13 -10.77
N ARG A 77 -9.30 -7.72 -11.96
CA ARG A 77 -8.92 -7.03 -13.18
C ARG A 77 -9.87 -7.45 -14.29
N HIS A 78 -10.47 -6.47 -14.95
CA HIS A 78 -11.42 -6.71 -16.05
C HIS A 78 -10.72 -6.39 -17.36
N TRP A 79 -10.18 -7.40 -18.02
CA TRP A 79 -9.51 -7.23 -19.29
C TRP A 79 -10.52 -7.14 -20.43
N PHE A 80 -10.28 -6.24 -21.37
CA PHE A 80 -11.08 -6.11 -22.59
C PHE A 80 -10.25 -6.50 -23.80
N ASP A 81 -10.93 -6.88 -24.88
CA ASP A 81 -10.26 -7.21 -26.12
C ASP A 81 -11.24 -7.18 -27.28
N HIS A 82 -10.70 -6.90 -28.47
CA HIS A 82 -11.45 -6.99 -29.73
C HIS A 82 -12.72 -6.13 -29.72
N THR A 83 -12.56 -4.85 -29.35
CA THR A 83 -13.65 -3.90 -29.45
C THR A 83 -14.05 -3.73 -30.92
N ALA A 84 -15.37 -3.79 -31.17
CA ALA A 84 -15.95 -3.60 -32.50
C ALA A 84 -17.10 -2.62 -32.41
N LEU A 85 -17.02 -1.54 -33.19
CA LEU A 85 -17.95 -0.42 -33.18
C LEU A 85 -18.80 -0.39 -34.45
N SER A 86 -19.90 0.32 -34.32
CA SER A 86 -20.90 0.38 -35.32
C SER A 86 -21.48 1.77 -35.01
N SER A 92 -25.37 7.65 -31.96
CA SER A 92 -25.13 6.53 -31.06
C SER A 92 -24.14 5.53 -31.63
N ILE A 93 -23.25 5.01 -30.79
CA ILE A 93 -22.23 4.05 -31.18
C ILE A 93 -22.49 2.76 -30.41
N THR A 94 -22.77 1.68 -31.15
CA THR A 94 -22.83 0.34 -30.56
C THR A 94 -21.42 -0.24 -30.49
N ALA A 95 -21.02 -0.72 -29.30
CA ALA A 95 -19.73 -1.33 -29.08
C ALA A 95 -19.89 -2.71 -28.48
N THR A 96 -19.16 -3.70 -29.02
CA THR A 96 -19.12 -5.04 -28.46
C THR A 96 -17.67 -5.45 -28.25
N SER A 97 -17.35 -5.86 -27.03
CA SER A 97 -15.99 -6.21 -26.64
C SER A 97 -15.97 -7.53 -25.90
N TYR A 98 -14.86 -8.24 -26.03
CA TYR A 98 -14.57 -9.37 -25.16
C TYR A 98 -14.13 -8.86 -23.79
N CYS A 99 -14.48 -9.59 -22.74
CA CYS A 99 -13.99 -9.28 -21.41
C CYS A 99 -13.68 -10.55 -20.66
N LEU A 100 -12.57 -10.54 -19.93
CA LEU A 100 -12.14 -11.67 -19.11
C LEU A 100 -11.80 -11.15 -17.73
N VAL A 101 -12.45 -11.70 -16.71
CA VAL A 101 -12.26 -11.26 -15.34
C VAL A 101 -11.13 -12.06 -14.70
N LEU A 102 -10.20 -11.36 -14.08
CA LEU A 102 -9.12 -11.97 -13.30
C LEU A 102 -9.38 -11.72 -11.83
N THR A 103 -9.24 -12.75 -11.01
CA THR A 103 -9.32 -12.63 -9.56
C THR A 103 -7.96 -13.02 -8.98
N VAL A 104 -7.24 -12.05 -8.43
CA VAL A 104 -5.91 -12.25 -7.89
C VAL A 104 -6.01 -12.29 -6.36
N HIS A 105 -5.57 -13.41 -5.78
CA HIS A 105 -5.58 -13.58 -4.34
C HIS A 105 -4.23 -13.20 -3.76
N ALA A 106 -4.25 -12.63 -2.55
CA ALA A 106 -3.02 -12.25 -1.87
C ALA A 106 -2.06 -13.43 -1.78
N ASP A 107 -0.81 -13.16 -2.18
CA ASP A 107 0.30 -14.12 -2.10
C ASP A 107 0.12 -15.33 -3.02
N VAL A 108 -0.74 -15.24 -4.02
CA VAL A 108 -0.94 -16.30 -5.01
C VAL A 108 -0.67 -15.69 -6.37
N LYS A 109 0.41 -16.14 -7.04
CA LYS A 109 0.86 -15.49 -8.26
C LYS A 109 -0.06 -15.78 -9.43
N ALA A 110 -0.57 -17.00 -9.52
CA ALA A 110 -1.45 -17.36 -10.62
C ALA A 110 -2.85 -16.84 -10.36
N PRO A 111 -3.41 -15.98 -11.21
CA PRO A 111 -4.78 -15.53 -11.01
C PRO A 111 -5.79 -16.63 -11.29
N GLU A 112 -6.97 -16.46 -10.71
CA GLU A 112 -8.15 -17.23 -11.10
C GLU A 112 -8.88 -16.49 -12.20
N PHE A 113 -9.37 -17.23 -13.18
CA PHE A 113 -9.98 -16.65 -14.36
C PHE A 113 -11.47 -16.96 -14.44
N GLY A 114 -12.22 -16.05 -15.05
CA GLY A 114 -13.64 -16.22 -15.21
C GLY A 114 -14.43 -15.15 -14.48
N PRO A 115 -15.59 -14.76 -15.05
CA PRO A 115 -16.11 -15.31 -16.30
C PRO A 115 -15.51 -14.65 -17.55
N SER A 116 -15.67 -15.30 -18.69
CA SER A 116 -15.42 -14.68 -19.98
C SER A 116 -16.74 -14.12 -20.50
N CYS A 117 -16.75 -12.85 -20.90
CA CYS A 117 -18.00 -12.14 -21.15
C CYS A 117 -17.95 -11.38 -22.47
N LEU A 118 -19.14 -11.06 -22.98
CA LEU A 118 -19.33 -10.10 -24.04
C LEU A 118 -19.88 -8.81 -23.44
N VAL A 119 -19.29 -7.68 -23.82
CA VAL A 119 -19.70 -6.38 -23.30
C VAL A 119 -20.39 -5.63 -24.43
N HIS A 120 -21.70 -5.45 -24.30
CA HIS A 120 -22.50 -4.73 -25.28
C HIS A 120 -22.74 -3.32 -24.77
N ASP A 121 -22.15 -2.34 -25.44
CA ASP A 121 -22.17 -0.95 -25.02
C ASP A 121 -22.89 -0.09 -26.04
N VAL A 122 -23.52 0.98 -25.57
CA VAL A 122 -24.06 2.04 -26.41
C VAL A 122 -23.38 3.33 -25.98
N LEU A 123 -22.62 3.94 -26.89
CA LEU A 123 -21.82 5.11 -26.58
C LEU A 123 -22.50 6.36 -27.12
N VAL A 124 -22.67 7.36 -26.24
CA VAL A 124 -23.11 8.68 -26.68
C VAL A 124 -22.37 9.73 -25.86
N LEU A 131 -17.28 10.95 -23.82
CA LEU A 131 -17.96 9.73 -24.22
C LEU A 131 -18.72 9.15 -23.03
N LEU A 132 -19.92 8.59 -23.22
CA LEU A 132 -20.66 8.10 -22.04
C LEU A 132 -21.59 6.96 -22.42
N LEU A 133 -21.95 6.19 -21.39
CA LEU A 133 -22.76 4.98 -21.48
C LEU A 133 -24.17 5.16 -20.92
N ARG A 134 -25.19 5.01 -21.78
CA ARG A 134 -26.49 4.57 -21.25
C ARG A 134 -26.50 3.14 -20.75
N SER A 135 -25.97 2.20 -21.50
CA SER A 135 -26.21 0.86 -21.03
C SER A 135 -25.01 -0.01 -21.35
N ARG A 136 -24.80 -0.96 -20.46
CA ARG A 136 -23.80 -1.97 -20.66
C ARG A 136 -24.50 -3.28 -20.37
N HIS A 137 -24.54 -4.11 -21.41
CA HIS A 137 -25.10 -5.44 -21.33
C HIS A 137 -24.00 -6.47 -21.44
N VAL A 138 -23.88 -7.20 -20.34
CA VAL A 138 -22.85 -8.20 -20.14
C VAL A 138 -23.53 -9.56 -20.19
N THR A 139 -23.08 -10.41 -21.09
CA THR A 139 -23.51 -11.80 -21.17
C THR A 139 -22.30 -12.66 -20.87
N HIS A 140 -22.54 -13.86 -20.37
CA HIS A 140 -21.47 -14.75 -19.94
C HIS A 140 -21.34 -15.88 -20.94
N ASP A 141 -20.11 -16.14 -21.37
CA ASP A 141 -19.87 -17.12 -22.42
C ASP A 141 -20.20 -18.53 -21.96
N HIS A 142 -20.17 -18.79 -20.65
CA HIS A 142 -20.48 -20.11 -20.12
C HIS A 142 -21.97 -20.33 -19.87
N VAL A 143 -22.80 -19.31 -20.05
CA VAL A 143 -24.25 -19.42 -19.88
C VAL A 143 -24.85 -19.59 -21.26
N PHE A 144 -25.35 -20.78 -21.55
CA PHE A 144 -25.92 -21.11 -22.84
C PHE A 144 -27.45 -21.10 -22.76
N PRO A 145 -28.13 -20.77 -23.88
CA PRO A 145 -29.60 -20.72 -23.92
C PRO A 145 -30.26 -22.08 -23.69
N GLY B 9 -4.49 10.04 -31.74
CA GLY B 9 -3.26 9.63 -32.39
C GLY B 9 -2.19 9.20 -31.40
N LEU B 10 -2.12 9.90 -30.27
CA LEU B 10 -1.15 9.54 -29.24
C LEU B 10 -1.44 8.17 -28.64
N TYR B 11 -2.72 7.85 -28.45
CA TYR B 11 -3.08 6.57 -27.83
C TYR B 11 -2.65 5.39 -28.69
N ALA B 12 -2.95 5.44 -29.99
CA ALA B 12 -2.52 4.39 -30.89
C ALA B 12 -1.00 4.32 -30.98
N GLU B 13 -0.32 5.47 -30.91
CA GLU B 13 1.13 5.48 -30.96
C GLU B 13 1.75 4.77 -29.76
N VAL B 14 1.14 4.94 -28.57
CA VAL B 14 1.66 4.26 -27.38
C VAL B 14 1.42 2.76 -27.47
N LEU B 15 0.23 2.37 -27.93
CA LEU B 15 -0.05 0.94 -28.10
C LEU B 15 0.92 0.29 -29.07
N SER B 16 1.18 0.95 -30.20
CA SER B 16 2.17 0.45 -31.16
C SER B 16 3.55 0.37 -30.52
N PHE B 17 3.94 1.42 -29.80
CA PHE B 17 5.21 1.41 -29.07
C PHE B 17 5.30 0.19 -28.15
N TYR B 18 4.23 -0.09 -27.40
CA TYR B 18 4.22 -1.26 -26.52
C TYR B 18 4.27 -2.56 -27.30
N GLY B 19 3.59 -2.60 -28.45
CA GLY B 19 3.58 -3.82 -29.24
C GLY B 19 4.96 -4.24 -29.69
N HIS B 20 5.72 -3.31 -30.27
CA HIS B 20 7.09 -3.59 -30.67
C HIS B 20 7.97 -3.85 -29.46
N GLN B 21 7.79 -3.06 -28.40
CA GLN B 21 8.66 -3.17 -27.23
C GLN B 21 8.57 -4.54 -26.58
N MSE B 22 7.35 -5.02 -26.32
CA MSE B 22 7.15 -6.30 -25.64
C MSE B 22 7.57 -7.50 -26.49
O MSE B 22 8.05 -8.50 -25.97
CB MSE B 22 5.68 -6.46 -25.23
CG MSE B 22 5.27 -5.61 -24.04
SE MSE B 22 6.67 -5.44 -22.70
CE MSE B 22 6.66 -3.53 -22.58
N GLN B 23 7.36 -7.39 -27.80
CA GLN B 23 7.77 -8.47 -28.69
C GLN B 23 9.28 -8.63 -28.72
N LYS B 24 10.02 -7.54 -28.58
CA LYS B 24 11.46 -7.62 -28.41
C LYS B 24 11.82 -8.33 -27.11
N LEU B 25 11.23 -7.88 -26.00
CA LEU B 25 11.50 -8.51 -24.71
C LEU B 25 11.23 -10.01 -24.74
N ASP B 26 10.06 -10.40 -25.24
CA ASP B 26 9.69 -11.81 -25.29
C ASP B 26 10.50 -12.60 -26.32
N GLY B 27 11.07 -11.93 -27.32
CA GLY B 27 11.98 -12.51 -28.27
C GLY B 27 13.42 -12.51 -27.83
N ARG B 28 13.68 -12.29 -26.54
CA ARG B 28 15.04 -12.19 -26.00
C ARG B 28 15.90 -11.14 -26.70
N ASP B 29 15.28 -10.05 -27.15
CA ASP B 29 16.02 -8.90 -27.64
C ASP B 29 16.15 -7.89 -26.50
N PHE B 30 16.97 -8.26 -25.52
CA PHE B 30 17.07 -7.45 -24.31
C PHE B 30 17.69 -6.08 -24.59
N ALA B 31 18.67 -6.03 -25.50
CA ALA B 31 19.26 -4.75 -25.88
C ALA B 31 18.26 -3.89 -26.65
N GLY B 32 17.52 -4.50 -27.58
CA GLY B 32 16.48 -3.76 -28.28
C GLY B 32 15.40 -3.25 -27.35
N TYR B 33 15.03 -4.06 -26.35
CA TYR B 33 14.05 -3.61 -25.36
C TYR B 33 14.58 -2.44 -24.56
N ALA B 34 15.83 -2.53 -24.10
CA ALA B 34 16.44 -1.43 -23.37
C ALA B 34 16.58 -0.19 -24.25
N ALA B 35 16.70 -0.37 -25.56
CA ALA B 35 16.81 0.76 -26.47
C ALA B 35 15.52 1.58 -26.55
N THR B 36 14.39 1.03 -26.12
CA THR B 36 13.16 1.80 -26.05
C THR B 36 13.08 2.68 -24.80
N PHE B 37 14.08 2.58 -23.92
CA PHE B 37 14.22 3.43 -22.75
C PHE B 37 15.14 4.61 -23.06
N THR B 38 15.04 5.63 -22.23
CA THR B 38 16.06 6.67 -22.23
C THR B 38 17.39 6.08 -21.75
N GLU B 39 18.49 6.78 -22.07
CA GLU B 39 19.79 6.27 -21.71
C GLU B 39 20.02 6.26 -20.21
N ASP B 40 19.29 7.09 -19.46
CA ASP B 40 19.23 6.99 -18.01
C ASP B 40 18.00 6.21 -17.56
N GLY B 41 17.54 5.27 -18.38
CA GLY B 41 16.30 4.54 -18.13
C GLY B 41 16.23 3.91 -16.76
N GLU B 42 15.05 3.95 -16.16
CA GLU B 42 14.82 3.43 -14.82
C GLU B 42 13.84 2.27 -14.91
N PHE B 43 14.19 1.13 -14.34
CA PHE B 43 13.35 -0.06 -14.40
C PHE B 43 13.33 -0.77 -13.05
N ARG B 44 12.16 -0.84 -12.42
CA ARG B 44 11.97 -1.58 -11.18
C ARG B 44 11.19 -2.86 -11.49
N HIS B 45 11.89 -3.99 -11.51
CA HIS B 45 11.25 -5.26 -11.81
C HIS B 45 10.26 -5.66 -10.73
N SER B 46 10.59 -5.37 -9.46
CA SER B 46 9.78 -5.79 -8.34
C SER B 46 10.19 -4.97 -7.12
N PRO B 47 9.28 -4.74 -6.16
CA PRO B 47 9.65 -4.06 -4.92
C PRO B 47 10.45 -4.96 -3.99
N LEU B 49 14.01 -5.74 -4.89
CA LEU B 49 15.30 -5.28 -5.43
C LEU B 49 15.20 -3.83 -5.90
N PRO B 50 16.28 -3.07 -5.72
CA PRO B 50 16.30 -1.69 -6.20
C PRO B 50 16.21 -1.62 -7.72
N ALA B 51 15.83 -0.44 -8.20
CA ALA B 51 15.59 -0.25 -9.62
C ALA B 51 16.89 -0.25 -10.41
N ALA B 52 16.84 -0.83 -11.61
CA ALA B 52 17.98 -0.80 -12.51
C ALA B 52 18.03 0.53 -13.25
N HIS B 53 19.26 0.96 -13.56
CA HIS B 53 19.48 2.24 -14.21
C HIS B 53 20.33 2.06 -15.45
N THR B 54 20.08 2.91 -16.45
CA THR B 54 20.73 2.90 -17.76
C THR B 54 20.43 1.65 -18.56
N ARG B 55 20.61 1.72 -19.88
CA ARG B 55 20.31 0.59 -20.75
C ARG B 55 21.14 -0.63 -20.41
N ALA B 56 22.43 -0.42 -20.10
CA ALA B 56 23.29 -1.54 -19.72
C ALA B 56 22.79 -2.19 -18.44
N GLY B 57 22.36 -1.37 -17.47
CA GLY B 57 21.81 -1.92 -16.24
C GLY B 57 20.51 -2.67 -16.48
N ILE B 58 19.65 -2.14 -17.35
CA ILE B 58 18.40 -2.82 -17.67
C ILE B 58 18.68 -4.14 -18.38
N THR B 59 19.63 -4.13 -19.33
CA THR B 59 20.01 -5.36 -20.01
C THR B 59 20.50 -6.41 -19.01
N ALA B 60 21.35 -6.01 -18.06
CA ALA B 60 21.88 -6.95 -17.08
C ALA B 60 20.76 -7.57 -16.27
N VAL B 61 19.83 -6.75 -15.79
CA VAL B 61 18.69 -7.24 -15.00
C VAL B 61 17.88 -8.26 -15.81
N LEU B 62 17.71 -7.99 -17.10
CA LEU B 62 16.91 -8.89 -17.93
C LEU B 62 17.58 -10.25 -18.11
N GLU B 63 18.88 -10.26 -18.37
CA GLU B 63 19.63 -11.52 -18.45
C GLU B 63 19.53 -12.33 -17.16
N ASP B 64 19.63 -11.67 -16.00
CA ASP B 64 19.68 -12.41 -14.74
C ASP B 64 18.34 -13.09 -14.45
N PHE B 65 17.25 -12.32 -14.50
CA PHE B 65 15.93 -12.91 -14.31
C PHE B 65 15.59 -13.90 -15.41
N HIS B 66 16.37 -13.93 -16.50
CA HIS B 66 16.11 -14.84 -17.60
C HIS B 66 16.77 -16.21 -17.39
N ARG B 67 17.84 -16.27 -16.61
CA ARG B 67 18.56 -17.53 -16.43
C ARG B 67 17.64 -18.63 -15.89
N LYS B 68 16.68 -18.25 -15.05
CA LYS B 68 15.69 -19.21 -14.55
C LYS B 68 14.94 -19.89 -15.69
N PHE B 69 15.00 -19.34 -16.90
CA PHE B 69 14.28 -19.90 -18.04
C PHE B 69 15.24 -20.43 -19.10
N LYS B 73 12.06 -24.55 -24.14
CA LYS B 73 11.17 -25.10 -23.15
C LYS B 73 10.28 -24.06 -22.53
N ILE B 74 10.78 -22.81 -22.50
CA ILE B 74 10.07 -21.66 -21.94
C ILE B 74 9.91 -20.65 -23.06
N GLN B 75 8.70 -20.14 -23.22
CA GLN B 75 8.46 -18.96 -24.04
C GLN B 75 7.57 -18.05 -23.22
N ARG B 76 8.07 -16.86 -22.91
CA ARG B 76 7.31 -15.92 -22.08
C ARG B 76 6.58 -14.92 -22.97
N ARG B 77 5.41 -14.47 -22.48
CA ARG B 77 4.63 -13.45 -23.18
C ARG B 77 4.11 -12.47 -22.14
N HIS B 78 4.36 -11.19 -22.37
CA HIS B 78 3.92 -10.11 -21.48
C HIS B 78 2.76 -9.40 -22.15
N TRP B 79 1.54 -9.79 -21.81
CA TRP B 79 0.33 -9.16 -22.35
C TRP B 79 0.04 -7.86 -21.62
N PHE B 80 -0.39 -6.85 -22.37
CA PHE B 80 -0.82 -5.57 -21.82
C PHE B 80 -2.31 -5.37 -22.05
N ASP B 81 -2.92 -4.51 -21.24
CA ASP B 81 -4.33 -4.19 -21.41
C ASP B 81 -4.67 -2.90 -20.69
N HIS B 82 -5.68 -2.20 -21.22
CA HIS B 82 -6.27 -1.02 -20.58
C HIS B 82 -5.22 0.05 -20.29
N THR B 83 -4.43 0.39 -21.30
CA THR B 83 -3.50 1.51 -21.20
C THR B 83 -4.29 2.79 -20.97
N ALA B 84 -3.84 3.59 -19.99
CA ALA B 84 -4.46 4.86 -19.66
C ALA B 84 -3.38 5.93 -19.62
N LEU B 85 -3.55 6.97 -20.44
CA LEU B 85 -2.56 8.02 -20.61
C LEU B 85 -3.02 9.33 -20.02
N SER B 86 -2.04 10.17 -19.68
CA SER B 86 -2.27 11.50 -19.15
C SER B 86 -0.98 12.30 -19.32
N GLN B 87 -1.13 13.62 -19.48
CA GLN B 87 0.00 14.49 -19.71
C GLN B 87 0.52 15.06 -18.39
N ALA B 88 1.83 14.90 -18.15
CA ALA B 88 2.44 15.51 -16.98
C ALA B 88 2.81 16.96 -17.28
N SER B 89 3.15 17.69 -16.22
CA SER B 89 3.46 19.10 -16.37
C SER B 89 4.71 19.33 -17.20
N ASP B 90 5.68 18.42 -17.12
CA ASP B 90 6.95 18.56 -17.85
C ASP B 90 6.86 18.05 -19.27
N GLY B 91 5.66 17.81 -19.81
CA GLY B 91 5.51 17.24 -21.13
C GLY B 91 5.57 15.73 -21.17
N SER B 92 5.92 15.07 -20.07
CA SER B 92 5.97 13.62 -20.03
C SER B 92 4.56 13.03 -20.14
N ILE B 93 4.51 11.77 -20.54
CA ILE B 93 3.26 11.01 -20.64
C ILE B 93 3.30 9.94 -19.56
N THR B 94 2.34 10.00 -18.65
CA THR B 94 2.20 8.99 -17.61
C THR B 94 1.38 7.84 -18.20
N ALA B 95 1.89 6.62 -18.14
CA ALA B 95 1.10 5.50 -18.64
C ALA B 95 0.94 4.44 -17.56
N THR B 96 -0.29 3.95 -17.40
CA THR B 96 -0.59 2.85 -16.51
C THR B 96 -1.33 1.77 -17.29
N SER B 97 -0.80 0.55 -17.26
CA SER B 97 -1.38 -0.56 -18.00
C SER B 97 -1.44 -1.81 -17.12
N TYR B 98 -2.41 -2.65 -17.40
CA TYR B 98 -2.42 -4.00 -16.86
C TYR B 98 -1.40 -4.84 -17.62
N CYS B 99 -0.79 -5.79 -16.92
CA CYS B 99 0.08 -6.75 -17.58
C CYS B 99 -0.14 -8.12 -16.97
N LEU B 100 -0.14 -9.14 -17.83
CA LEU B 100 -0.31 -10.53 -17.42
C LEU B 100 0.79 -11.34 -18.09
N VAL B 101 1.60 -12.01 -17.29
CA VAL B 101 2.72 -12.79 -17.81
C VAL B 101 2.26 -14.21 -18.09
N LEU B 102 2.57 -14.70 -19.28
CA LEU B 102 2.32 -16.07 -19.67
C LEU B 102 3.66 -16.80 -19.74
N THR B 103 3.71 -18.00 -19.18
CA THR B 103 4.88 -18.87 -19.27
C THR B 103 4.46 -20.12 -20.02
N VAL B 104 4.97 -20.29 -21.24
CA VAL B 104 4.59 -21.40 -22.10
C VAL B 104 5.69 -22.44 -22.05
N HIS B 105 5.32 -23.67 -21.66
CA HIS B 105 6.26 -24.76 -21.56
C HIS B 105 6.22 -25.63 -22.81
N ALA B 106 7.39 -26.13 -23.21
CA ALA B 106 7.50 -26.97 -24.40
C ALA B 106 6.51 -28.13 -24.34
N ASP B 107 5.75 -28.28 -25.42
CA ASP B 107 4.82 -29.38 -25.63
C ASP B 107 3.69 -29.41 -24.62
N VAL B 108 3.44 -28.28 -23.97
CA VAL B 108 2.28 -28.09 -23.08
C VAL B 108 1.51 -26.91 -23.64
N LYS B 109 0.32 -27.19 -24.13
CA LYS B 109 -0.56 -26.23 -24.79
C LYS B 109 -1.16 -25.20 -23.81
N ALA B 110 -1.46 -25.61 -22.58
CA ALA B 110 -1.98 -24.66 -21.60
C ALA B 110 -0.82 -23.89 -20.97
N PRO B 111 -0.76 -22.57 -21.12
CA PRO B 111 0.26 -21.81 -20.42
C PRO B 111 -0.09 -21.72 -18.96
N GLU B 112 0.92 -21.52 -18.17
CA GLU B 112 0.69 -21.12 -16.79
C GLU B 112 0.87 -19.60 -16.66
N PHE B 113 0.01 -18.99 -15.83
CA PHE B 113 -0.19 -17.55 -15.77
C PHE B 113 0.33 -16.95 -14.46
N GLY B 114 0.68 -15.66 -14.51
CA GLY B 114 1.17 -14.97 -13.34
C GLY B 114 2.60 -14.52 -13.55
N PRO B 115 2.97 -13.37 -12.98
CA PRO B 115 2.04 -12.56 -12.17
C PRO B 115 1.12 -11.64 -12.98
N SER B 116 0.06 -11.17 -12.33
CA SER B 116 -0.75 -10.07 -12.85
C SER B 116 -0.18 -8.78 -12.29
N CYS B 117 0.07 -7.81 -13.17
CA CYS B 117 0.86 -6.64 -12.79
C CYS B 117 0.20 -5.34 -13.24
N LEU B 118 0.60 -4.27 -12.55
CA LEU B 118 0.36 -2.90 -13.00
C LEU B 118 1.69 -2.34 -13.49
N VAL B 119 1.67 -1.72 -14.67
CA VAL B 119 2.87 -1.17 -15.28
C VAL B 119 2.75 0.35 -15.27
N HIS B 120 3.56 1.01 -14.45
CA HIS B 120 3.58 2.47 -14.35
C HIS B 120 4.74 3.00 -15.17
N ASP B 121 4.41 3.69 -16.26
CA ASP B 121 5.42 4.15 -17.21
C ASP B 121 5.45 5.67 -17.26
N VAL B 122 6.63 6.20 -17.53
CA VAL B 122 6.83 7.61 -17.85
C VAL B 122 7.45 7.69 -19.24
N LEU B 123 6.70 8.24 -20.19
CA LEU B 123 7.09 8.33 -21.59
C LEU B 123 7.52 9.75 -21.93
N VAL B 124 8.53 9.88 -22.79
CA VAL B 124 8.98 11.20 -23.23
C VAL B 124 9.09 11.22 -24.74
N ARG B 125 9.06 12.44 -25.28
CA ARG B 125 9.00 12.68 -26.71
C ARG B 125 10.40 13.12 -27.16
N GLY B 126 10.68 14.41 -27.21
CA GLY B 126 12.00 14.87 -27.57
C GLY B 126 12.00 15.60 -28.90
N ALA B 127 13.21 15.86 -29.39
CA ALA B 127 13.39 16.71 -30.57
C ALA B 127 12.91 16.01 -31.84
N ASP B 128 13.17 14.72 -31.96
CA ASP B 128 12.85 13.98 -33.18
C ASP B 128 11.44 13.40 -33.19
N GLY B 129 10.63 13.73 -32.20
CA GLY B 129 9.27 13.24 -32.15
C GLY B 129 9.09 11.78 -31.76
N GLU B 130 10.17 11.06 -31.48
CA GLU B 130 10.04 9.66 -31.12
C GLU B 130 9.91 9.50 -29.61
N LEU B 131 9.13 8.51 -29.21
CA LEU B 131 8.87 8.25 -27.80
C LEU B 131 9.95 7.36 -27.20
N LEU B 132 10.19 7.56 -25.91
CA LEU B 132 11.14 6.77 -25.14
C LEU B 132 10.63 6.67 -23.73
N LEU B 133 11.09 5.64 -23.02
CA LEU B 133 10.61 5.33 -21.67
C LEU B 133 11.65 5.84 -20.67
N ARG B 134 11.27 6.86 -19.90
CA ARG B 134 12.13 7.32 -18.81
C ARG B 134 12.18 6.31 -17.67
N SER B 135 11.03 5.78 -17.27
CA SER B 135 10.97 4.88 -16.13
C SER B 135 9.82 3.90 -16.29
N ARG B 136 10.01 2.71 -15.72
CA ARG B 136 8.96 1.70 -15.64
C ARG B 136 8.99 1.07 -14.26
N HIS B 137 7.86 1.15 -13.55
CA HIS B 137 7.72 0.55 -12.23
C HIS B 137 6.60 -0.49 -12.29
N VAL B 138 6.94 -1.74 -11.97
CA VAL B 138 6.01 -2.86 -12.03
C VAL B 138 5.67 -3.30 -10.63
N THR B 139 4.37 -3.37 -10.33
CA THR B 139 3.87 -3.90 -9.08
C THR B 139 3.07 -5.17 -9.34
N HIS B 140 2.99 -6.04 -8.34
CA HIS B 140 2.34 -7.33 -8.47
C HIS B 140 1.01 -7.31 -7.73
N ASP B 141 -0.05 -7.73 -8.41
CA ASP B 141 -1.39 -7.64 -7.83
C ASP B 141 -1.55 -8.55 -6.62
N HIS B 142 -0.78 -9.62 -6.53
CA HIS B 142 -0.87 -10.55 -5.41
C HIS B 142 0.00 -10.12 -4.22
N VAL B 143 0.79 -9.06 -4.37
CA VAL B 143 1.61 -8.57 -3.28
C VAL B 143 0.93 -7.37 -2.61
N GLY C 9 -3.34 6.31 -37.57
CA GLY C 9 -4.67 5.95 -38.03
C GLY C 9 -4.77 4.53 -38.53
N LEU C 10 -3.71 4.07 -39.20
CA LEU C 10 -3.69 2.69 -39.69
C LEU C 10 -3.69 1.69 -38.54
N TYR C 11 -2.98 2.01 -37.45
CA TYR C 11 -2.89 1.06 -36.34
C TYR C 11 -4.26 0.80 -35.72
N ALA C 12 -5.02 1.88 -35.46
CA ALA C 12 -6.36 1.70 -34.92
C ALA C 12 -7.26 0.94 -35.89
N GLU C 13 -7.09 1.19 -37.19
CA GLU C 13 -7.90 0.47 -38.19
C GLU C 13 -7.60 -1.03 -38.18
N VAL C 14 -6.33 -1.39 -37.99
CA VAL C 14 -5.97 -2.81 -37.96
C VAL C 14 -6.56 -3.48 -36.71
N LEU C 15 -6.48 -2.79 -35.56
CA LEU C 15 -7.13 -3.31 -34.36
C LEU C 15 -8.62 -3.48 -34.58
N SER C 16 -9.25 -2.49 -35.21
CA SER C 16 -10.67 -2.60 -35.56
C SER C 16 -10.90 -3.76 -36.51
N PHE C 17 -10.06 -3.88 -37.54
CA PHE C 17 -10.14 -5.01 -38.47
C PHE C 17 -10.10 -6.34 -37.73
N TYR C 18 -9.15 -6.48 -36.79
CA TYR C 18 -9.05 -7.73 -36.03
C TYR C 18 -10.26 -7.95 -35.14
N GLY C 19 -10.81 -6.87 -34.57
CA GLY C 19 -11.95 -7.01 -33.68
C GLY C 19 -13.16 -7.60 -34.38
N HIS C 20 -13.50 -7.06 -35.55
CA HIS C 20 -14.60 -7.61 -36.32
C HIS C 20 -14.27 -9.01 -36.85
N GLN C 21 -13.03 -9.20 -37.33
CA GLN C 21 -12.66 -10.47 -37.94
C GLN C 21 -12.73 -11.61 -36.94
N MSE C 22 -12.20 -11.41 -35.73
CA MSE C 22 -12.16 -12.47 -34.73
C MSE C 22 -13.53 -12.78 -34.15
O MSE C 22 -13.84 -13.93 -33.84
CB MSE C 22 -11.20 -12.09 -33.59
CG MSE C 22 -9.76 -12.42 -33.91
SE MSE C 22 -9.70 -14.10 -34.90
CE MSE C 22 -8.61 -13.51 -36.39
N GLN C 23 -14.36 -11.74 -33.99
CA GLN C 23 -15.72 -11.96 -33.51
C GLN C 23 -16.52 -12.79 -34.50
N LYS C 24 -16.25 -12.63 -35.80
CA LYS C 24 -16.85 -13.52 -36.80
C LYS C 24 -16.39 -14.96 -36.61
N LEU C 25 -15.07 -15.17 -36.52
CA LEU C 25 -14.53 -16.51 -36.32
C LEU C 25 -15.11 -17.16 -35.07
N ASP C 26 -15.08 -16.44 -33.95
CA ASP C 26 -15.58 -16.99 -32.69
C ASP C 26 -17.09 -17.16 -32.69
N GLY C 27 -17.81 -16.45 -33.55
CA GLY C 27 -19.23 -16.65 -33.74
C GLY C 27 -19.57 -17.71 -34.77
N ARG C 28 -18.59 -18.53 -35.16
CA ARG C 28 -18.75 -19.56 -36.19
C ARG C 28 -19.27 -19.00 -37.51
N ASP C 29 -18.92 -17.76 -37.82
CA ASP C 29 -19.18 -17.19 -39.14
C ASP C 29 -17.93 -17.37 -40.01
N PHE C 30 -17.71 -18.62 -40.40
CA PHE C 30 -16.47 -18.99 -41.09
C PHE C 30 -16.38 -18.33 -42.47
N ALA C 31 -17.51 -18.20 -43.17
CA ALA C 31 -17.50 -17.53 -44.46
C ALA C 31 -17.17 -16.05 -44.32
N GLY C 32 -17.76 -15.39 -43.32
CA GLY C 32 -17.43 -13.99 -43.06
C GLY C 32 -15.97 -13.80 -42.70
N TYR C 33 -15.41 -14.74 -41.92
CA TYR C 33 -13.99 -14.67 -41.59
C TYR C 33 -13.12 -14.82 -42.83
N ALA C 34 -13.43 -15.81 -43.68
CA ALA C 34 -12.68 -15.98 -44.91
C ALA C 34 -12.79 -14.77 -45.83
N ALA C 35 -13.90 -14.02 -45.73
CA ALA C 35 -14.07 -12.84 -46.56
C ALA C 35 -13.10 -11.72 -46.21
N THR C 36 -12.46 -11.79 -45.04
CA THR C 36 -11.43 -10.83 -44.68
C THR C 36 -10.08 -11.15 -45.32
N PHE C 37 -9.98 -12.25 -46.06
CA PHE C 37 -8.80 -12.59 -46.84
C PHE C 37 -8.99 -12.13 -48.29
N THR C 38 -7.88 -11.99 -49.01
CA THR C 38 -7.94 -11.78 -50.45
C THR C 38 -8.48 -13.02 -51.16
N GLU C 39 -8.76 -12.85 -52.46
CA GLU C 39 -9.27 -13.97 -53.24
C GLU C 39 -8.28 -15.12 -53.22
N ASP C 40 -7.00 -14.82 -53.36
CA ASP C 40 -5.93 -15.81 -53.35
C ASP C 40 -5.40 -15.96 -51.93
N GLY C 41 -6.26 -15.61 -50.97
CA GLY C 41 -5.81 -15.46 -49.59
C GLY C 41 -5.28 -16.77 -49.04
N GLU C 42 -4.19 -16.67 -48.27
CA GLU C 42 -3.61 -17.88 -47.74
C GLU C 42 -3.52 -17.94 -46.23
N PHE C 43 -3.88 -19.11 -45.71
CA PHE C 43 -3.95 -19.37 -44.28
C PHE C 43 -3.20 -20.65 -43.93
N ARG C 44 -2.28 -20.55 -42.97
CA ARG C 44 -1.48 -21.70 -42.50
C ARG C 44 -1.67 -21.82 -41.00
N HIS C 45 -2.40 -22.84 -40.56
CA HIS C 45 -2.71 -22.98 -39.15
C HIS C 45 -1.49 -23.40 -38.33
N SER C 46 -0.55 -24.11 -38.95
CA SER C 46 0.64 -24.56 -38.24
C SER C 46 1.64 -25.13 -39.23
N PRO C 47 2.95 -25.07 -38.92
CA PRO C 47 4.03 -25.60 -39.77
C PRO C 47 4.06 -27.13 -39.81
N LEU C 49 1.20 -29.13 -41.39
CA LEU C 49 -0.05 -28.92 -42.11
C LEU C 49 0.13 -27.98 -43.29
N PRO C 50 -0.28 -28.41 -44.49
CA PRO C 50 -0.24 -27.51 -45.64
C PRO C 50 -1.21 -26.36 -45.43
N ALA C 51 -0.94 -25.27 -46.15
CA ALA C 51 -1.71 -24.05 -45.95
C ALA C 51 -2.91 -24.02 -46.87
N ALA C 52 -4.02 -23.48 -46.36
CA ALA C 52 -5.24 -23.37 -47.15
C ALA C 52 -5.18 -22.17 -48.10
N HIS C 53 -5.85 -22.32 -49.24
CA HIS C 53 -5.85 -21.33 -50.31
C HIS C 53 -7.29 -20.96 -50.64
N THR C 54 -7.49 -19.68 -51.00
CA THR C 54 -8.80 -19.14 -51.40
C THR C 54 -9.83 -19.16 -50.28
N ARG C 55 -10.90 -18.35 -50.44
CA ARG C 55 -11.93 -18.25 -49.41
C ARG C 55 -12.56 -19.60 -49.10
N ALA C 56 -12.88 -20.37 -50.14
CA ALA C 56 -13.50 -21.68 -49.94
C ALA C 56 -12.55 -22.63 -49.21
N GLY C 57 -11.28 -22.62 -49.57
CA GLY C 57 -10.31 -23.46 -48.89
C GLY C 57 -10.17 -23.09 -47.42
N ILE C 58 -10.14 -21.78 -47.13
CA ILE C 58 -10.07 -21.34 -45.75
C ILE C 58 -11.35 -21.69 -45.00
N THR C 59 -12.51 -21.42 -45.62
CA THR C 59 -13.79 -21.75 -45.02
C THR C 59 -13.90 -23.26 -44.74
N ALA C 60 -13.52 -24.09 -45.72
CA ALA C 60 -13.60 -25.53 -45.55
C ALA C 60 -12.76 -26.00 -44.37
N VAL C 61 -11.52 -25.51 -44.29
CA VAL C 61 -10.62 -25.89 -43.20
C VAL C 61 -11.24 -25.57 -41.84
N LEU C 62 -11.89 -24.40 -41.74
CA LEU C 62 -12.48 -23.99 -40.47
C LEU C 62 -13.68 -24.86 -40.11
N GLU C 63 -14.55 -25.15 -41.08
CA GLU C 63 -15.68 -26.03 -40.84
C GLU C 63 -15.24 -27.39 -40.31
N ASP C 64 -14.17 -27.95 -40.87
CA ASP C 64 -13.78 -29.32 -40.51
C ASP C 64 -13.28 -29.39 -39.08
N PHE C 65 -12.54 -28.38 -38.64
CA PHE C 65 -11.97 -28.38 -37.30
C PHE C 65 -12.95 -27.81 -36.28
N LYS C 68 -14.61 -30.75 -33.61
CA LYS C 68 -14.27 -30.98 -32.21
C LYS C 68 -15.24 -30.24 -31.29
N PHE C 69 -15.87 -29.21 -31.83
CA PHE C 69 -16.70 -28.32 -31.03
C PHE C 69 -18.18 -28.44 -31.39
N ALA C 71 -20.95 -26.64 -30.88
CA ALA C 71 -21.43 -25.31 -30.55
C ALA C 71 -22.47 -25.36 -29.44
N ARG C 72 -22.99 -26.58 -29.21
CA ARG C 72 -24.00 -26.76 -28.16
C ARG C 72 -23.42 -26.56 -26.77
N LYS C 73 -22.12 -26.80 -26.60
CA LYS C 73 -21.51 -26.76 -25.28
C LYS C 73 -20.18 -26.03 -25.23
N ILE C 74 -19.68 -25.51 -26.35
CA ILE C 74 -18.35 -24.89 -26.40
C ILE C 74 -18.47 -23.51 -27.03
N GLN C 75 -17.76 -22.54 -26.45
CA GLN C 75 -17.63 -21.20 -27.01
C GLN C 75 -16.17 -20.80 -26.98
N ARG C 76 -15.60 -20.54 -28.15
CA ARG C 76 -14.20 -20.17 -28.28
C ARG C 76 -14.04 -18.66 -28.38
N ARG C 77 -12.88 -18.17 -27.89
CA ARG C 77 -12.51 -16.76 -28.00
C ARG C 77 -11.04 -16.67 -28.35
N HIS C 78 -10.72 -15.94 -29.41
CA HIS C 78 -9.35 -15.75 -29.87
C HIS C 78 -8.90 -14.34 -29.51
N TRP C 79 -8.22 -14.21 -28.37
CA TRP C 79 -7.73 -12.91 -27.93
C TRP C 79 -6.44 -12.55 -28.65
N PHE C 80 -6.30 -11.28 -29.02
CA PHE C 80 -5.10 -10.74 -29.63
C PHE C 80 -4.46 -9.74 -28.67
N ASP C 81 -3.16 -9.51 -28.87
CA ASP C 81 -2.44 -8.55 -28.05
C ASP C 81 -1.15 -8.14 -28.75
N HIS C 82 -0.72 -6.91 -28.47
CA HIS C 82 0.57 -6.40 -28.90
C HIS C 82 0.75 -6.50 -30.42
N THR C 83 -0.24 -6.02 -31.15
CA THR C 83 -0.11 -5.91 -32.60
C THR C 83 1.02 -4.96 -32.93
N ALA C 84 1.91 -5.38 -33.83
CA ALA C 84 3.03 -4.57 -34.29
C ALA C 84 3.05 -4.62 -35.81
N LEU C 85 3.00 -3.45 -36.44
CA LEU C 85 2.95 -3.38 -37.89
C LEU C 85 4.31 -2.95 -38.40
N SER C 86 4.65 -3.40 -39.61
CA SER C 86 6.00 -3.17 -40.08
C SER C 86 6.05 -3.32 -41.60
N GLN C 87 7.05 -2.68 -42.22
CA GLN C 87 7.21 -2.75 -43.67
C GLN C 87 8.65 -2.54 -44.04
N ILE C 93 1.30 -4.49 -45.74
CA ILE C 93 1.64 -4.31 -44.34
C ILE C 93 1.70 -5.65 -43.62
N THR C 94 2.90 -5.97 -43.13
CA THR C 94 3.13 -7.11 -42.24
C THR C 94 2.77 -6.80 -40.78
N ALA C 95 1.95 -7.69 -40.21
CA ALA C 95 1.44 -7.59 -38.84
C ALA C 95 1.77 -8.86 -38.06
N THR C 96 2.29 -8.67 -36.85
CA THR C 96 2.55 -9.76 -35.91
C THR C 96 1.88 -9.43 -34.59
N SER C 97 1.04 -10.35 -34.10
CA SER C 97 0.30 -10.15 -32.86
C SER C 97 0.39 -11.41 -32.01
N TYR C 98 0.27 -11.23 -30.70
CA TYR C 98 0.06 -12.36 -29.80
C TYR C 98 -1.37 -12.85 -29.92
N CYS C 99 -1.56 -14.15 -29.74
CA CYS C 99 -2.91 -14.69 -29.66
C CYS C 99 -3.00 -15.74 -28.57
N LEU C 100 -4.11 -15.72 -27.84
CA LEU C 100 -4.38 -16.67 -26.78
C LEU C 100 -5.80 -17.19 -26.98
N VAL C 101 -5.93 -18.50 -27.12
CA VAL C 101 -7.22 -19.12 -27.38
C VAL C 101 -7.87 -19.48 -26.05
N LEU C 102 -9.14 -19.09 -25.90
CA LEU C 102 -9.96 -19.45 -24.75
C LEU C 102 -11.01 -20.46 -25.21
N THR C 103 -11.20 -21.51 -24.42
CA THR C 103 -12.26 -22.49 -24.64
C THR C 103 -13.19 -22.45 -23.44
N VAL C 104 -14.41 -21.95 -23.64
CA VAL C 104 -15.40 -21.79 -22.58
C VAL C 104 -16.41 -22.92 -22.67
N HIS C 105 -16.55 -23.68 -21.60
CA HIS C 105 -17.50 -24.78 -21.51
C HIS C 105 -18.79 -24.31 -20.85
N ALA C 106 -19.92 -24.86 -21.31
CA ALA C 106 -21.21 -24.55 -20.73
C ALA C 106 -21.20 -24.75 -19.22
N ASP C 107 -21.69 -23.74 -18.50
CA ASP C 107 -21.84 -23.77 -17.04
C ASP C 107 -20.50 -23.87 -16.31
N VAL C 108 -19.40 -23.52 -16.96
CA VAL C 108 -18.08 -23.51 -16.32
C VAL C 108 -17.53 -22.10 -16.46
N LYS C 109 -17.37 -21.42 -15.33
CA LYS C 109 -17.01 -20.00 -15.36
C LYS C 109 -15.56 -19.82 -15.79
N ALA C 110 -14.67 -20.70 -15.34
CA ALA C 110 -13.26 -20.59 -15.68
C ALA C 110 -13.01 -21.17 -17.07
N PRO C 111 -12.49 -20.38 -18.01
CA PRO C 111 -12.16 -20.92 -19.33
C PRO C 111 -10.93 -21.82 -19.27
N GLU C 112 -10.82 -22.68 -20.28
CA GLU C 112 -9.58 -23.39 -20.55
C GLU C 112 -8.74 -22.57 -21.51
N PHE C 113 -7.43 -22.55 -21.28
CA PHE C 113 -6.53 -21.70 -22.05
C PHE C 113 -5.56 -22.53 -22.89
N GLY C 114 -5.16 -21.97 -24.02
CA GLY C 114 -4.23 -22.62 -24.91
C GLY C 114 -4.84 -22.93 -26.25
N PRO C 115 -4.05 -22.86 -27.33
CA PRO C 115 -2.63 -22.51 -27.29
C PRO C 115 -2.33 -21.01 -27.25
N SER C 116 -1.10 -20.69 -26.89
CA SER C 116 -0.55 -19.35 -27.05
C SER C 116 0.14 -19.29 -28.42
N CYS C 117 -0.19 -18.27 -29.21
CA CYS C 117 0.20 -18.24 -30.61
C CYS C 117 0.78 -16.89 -31.00
N LEU C 118 1.58 -16.94 -32.08
CA LEU C 118 2.00 -15.76 -32.82
C LEU C 118 1.24 -15.76 -34.14
N VAL C 119 0.67 -14.61 -34.49
CA VAL C 119 -0.10 -14.46 -35.72
C VAL C 119 0.70 -13.58 -36.66
N HIS C 120 1.21 -14.17 -37.73
CA HIS C 120 1.99 -13.44 -38.74
C HIS C 120 1.08 -13.15 -39.92
N ASP C 121 0.76 -11.87 -40.11
CA ASP C 121 -0.21 -11.43 -41.10
C ASP C 121 0.46 -10.55 -42.15
N VAL C 122 -0.09 -10.59 -43.36
CA VAL C 122 0.26 -9.65 -44.42
C VAL C 122 -1.02 -8.94 -44.83
N LEU C 123 -1.06 -7.63 -44.61
CA LEU C 123 -2.23 -6.81 -44.87
C LEU C 123 -2.04 -6.07 -46.18
N VAL C 124 -3.09 -6.01 -46.99
CA VAL C 124 -3.08 -5.26 -48.25
C VAL C 124 -4.39 -4.47 -48.37
N ARG C 125 -4.41 -3.57 -49.36
CA ARG C 125 -5.51 -2.64 -49.55
C ARG C 125 -6.53 -3.24 -50.50
N GLY C 126 -7.80 -3.21 -50.07
CA GLY C 126 -8.85 -3.74 -50.92
C GLY C 126 -9.28 -2.79 -52.01
N ALA C 127 -10.11 -3.33 -52.91
CA ALA C 127 -10.66 -2.53 -53.99
C ALA C 127 -11.69 -1.52 -53.47
N ASP C 128 -12.48 -1.93 -52.48
CA ASP C 128 -13.38 -1.03 -51.77
C ASP C 128 -12.65 -0.15 -50.78
N GLY C 129 -11.32 -0.22 -50.73
CA GLY C 129 -10.56 0.48 -49.72
C GLY C 129 -10.51 -0.21 -48.37
N GLU C 130 -11.12 -1.38 -48.25
CA GLU C 130 -11.10 -2.12 -47.00
C GLU C 130 -9.78 -2.86 -46.83
N LEU C 131 -9.43 -3.15 -45.59
CA LEU C 131 -8.28 -3.98 -45.33
C LEU C 131 -8.61 -5.44 -45.62
N LEU C 132 -7.59 -6.18 -46.05
CA LEU C 132 -7.74 -7.61 -46.34
C LEU C 132 -6.42 -8.30 -46.03
N LEU C 133 -6.51 -9.60 -45.78
CA LEU C 133 -5.36 -10.40 -45.39
C LEU C 133 -4.90 -11.18 -46.61
N ARG C 134 -3.70 -10.87 -47.11
CA ARG C 134 -3.11 -11.71 -48.14
C ARG C 134 -2.71 -13.07 -47.58
N SER C 135 -2.11 -13.10 -46.39
CA SER C 135 -1.64 -14.35 -45.81
C SER C 135 -1.71 -14.25 -44.30
N ARG C 136 -1.96 -15.40 -43.65
CA ARG C 136 -1.91 -15.51 -42.21
C ARG C 136 -1.20 -16.80 -41.83
N HIS C 137 -0.13 -16.67 -41.06
CA HIS C 137 0.65 -17.81 -40.57
C HIS C 137 0.63 -17.81 -39.05
N VAL C 138 0.16 -18.91 -38.46
CA VAL C 138 0.03 -19.04 -37.01
C VAL C 138 1.08 -20.05 -36.52
N THR C 139 1.86 -19.64 -35.53
CA THR C 139 2.80 -20.52 -34.85
C THR C 139 2.36 -20.70 -33.40
N HIS C 140 2.75 -21.82 -32.80
CA HIS C 140 2.36 -22.16 -31.45
C HIS C 140 3.56 -22.06 -30.52
N ASP C 141 3.38 -21.36 -29.41
CA ASP C 141 4.48 -21.08 -28.50
C ASP C 141 5.00 -22.34 -27.82
N HIS C 142 4.17 -23.38 -27.69
CA HIS C 142 4.60 -24.61 -27.03
C HIS C 142 5.28 -25.60 -27.95
N VAL C 143 5.35 -25.32 -29.25
CA VAL C 143 6.03 -26.22 -30.18
C VAL C 143 7.42 -25.69 -30.49
N LEU D 6 5.98 -15.47 25.95
CA LEU D 6 6.93 -14.44 26.33
C LEU D 6 6.53 -13.77 27.64
N PRO D 7 7.48 -13.64 28.57
CA PRO D 7 7.17 -13.01 29.85
C PRO D 7 6.90 -11.53 29.70
N THR D 8 6.10 -11.00 30.63
CA THR D 8 5.84 -9.56 30.65
C THR D 8 7.09 -8.78 31.00
N GLY D 9 8.03 -9.40 31.72
CA GLY D 9 9.29 -8.73 32.02
C GLY D 9 10.12 -8.47 30.78
N LEU D 10 10.08 -9.40 29.81
CA LEU D 10 10.82 -9.20 28.57
C LEU D 10 10.31 -7.99 27.80
N TYR D 11 8.98 -7.78 27.80
CA TYR D 11 8.42 -6.65 27.07
C TYR D 11 8.91 -5.33 27.66
N ALA D 12 8.83 -5.20 28.98
CA ALA D 12 9.33 -3.99 29.65
C ALA D 12 10.83 -3.83 29.45
N GLU D 13 11.57 -4.95 29.44
CA GLU D 13 13.01 -4.88 29.24
C GLU D 13 13.33 -4.33 27.84
N VAL D 14 12.54 -4.71 26.84
CA VAL D 14 12.77 -4.20 25.49
C VAL D 14 12.47 -2.71 25.42
N LEU D 15 11.37 -2.27 26.04
CA LEU D 15 11.07 -0.84 26.09
C LEU D 15 12.18 -0.06 26.77
N SER D 16 12.68 -0.57 27.90
CA SER D 16 13.80 0.08 28.57
C SER D 16 15.03 0.12 27.67
N PHE D 17 15.33 -1.02 27.02
CA PHE D 17 16.43 -1.08 26.06
C PHE D 17 16.31 0.01 25.00
N TYR D 18 15.11 0.17 24.44
CA TYR D 18 14.91 1.20 23.42
C TYR D 18 15.07 2.60 23.99
N GLY D 19 14.62 2.82 25.23
CA GLY D 19 14.74 4.13 25.83
C GLY D 19 16.17 4.60 25.96
N HIS D 20 17.03 3.73 26.51
CA HIS D 20 18.46 4.06 26.59
C HIS D 20 19.08 4.18 25.21
N GLN D 21 18.73 3.28 24.29
CA GLN D 21 19.34 3.24 22.97
C GLN D 21 19.07 4.52 22.19
N MSE D 22 17.80 4.92 22.09
CA MSE D 22 17.45 6.07 21.26
C MSE D 22 17.93 7.39 21.88
O MSE D 22 18.25 8.33 21.15
CB MSE D 22 15.94 6.12 21.00
CG MSE D 22 15.41 4.85 20.34
SE MSE D 22 16.51 4.28 18.83
CE MSE D 22 16.37 5.83 17.71
N GLN D 23 17.98 7.45 23.21
CA GLN D 23 18.52 8.64 23.86
C GLN D 23 20.01 8.82 23.55
N LYS D 24 20.74 7.72 23.41
CA LYS D 24 22.13 7.80 22.95
C LYS D 24 22.20 8.33 21.53
N LEU D 25 21.43 7.73 20.61
CA LEU D 25 21.42 8.21 19.22
C LEU D 25 21.07 9.68 19.14
N ASP D 26 19.98 10.08 19.82
CA ASP D 26 19.55 11.46 19.77
C ASP D 26 20.51 12.40 20.49
N GLY D 27 21.30 11.88 21.42
CA GLY D 27 22.36 12.66 22.05
C GLY D 27 23.66 12.63 21.28
N ARG D 28 23.63 12.17 20.02
CA ARG D 28 24.81 12.02 19.18
C ARG D 28 25.90 11.16 19.81
N ASP D 29 25.49 10.18 20.63
CA ASP D 29 26.42 9.16 21.12
C ASP D 29 26.34 7.95 20.18
N PHE D 30 26.91 8.15 18.99
CA PHE D 30 26.77 7.15 17.93
C PHE D 30 27.49 5.86 18.28
N ALA D 31 28.63 5.96 18.97
CA ALA D 31 29.33 4.75 19.40
C ALA D 31 28.54 4.01 20.47
N GLY D 32 27.95 4.75 21.42
CA GLY D 32 27.10 4.11 22.40
C GLY D 32 25.88 3.44 21.78
N TYR D 33 25.29 4.07 20.76
CA TYR D 33 24.16 3.47 20.06
C TYR D 33 24.58 2.19 19.35
N ALA D 34 25.71 2.23 18.63
CA ALA D 34 26.20 1.04 17.94
C ALA D 34 26.54 -0.07 18.93
N ALA D 35 26.91 0.28 20.17
CA ALA D 35 27.24 -0.71 21.17
C ALA D 35 26.02 -1.54 21.59
N THR D 36 24.81 -1.08 21.30
CA THR D 36 23.61 -1.86 21.56
C THR D 36 23.37 -2.93 20.51
N PHE D 37 24.19 -2.97 19.47
CA PHE D 37 24.16 -4.03 18.48
C PHE D 37 25.18 -5.11 18.84
N THR D 38 24.98 -6.30 18.28
CA THR D 38 26.04 -7.28 18.36
C THR D 38 27.25 -6.81 17.54
N GLU D 39 28.40 -7.44 17.76
CA GLU D 39 29.62 -7.00 17.10
C GLU D 39 29.54 -7.19 15.58
N ASP D 40 28.79 -8.20 15.13
CA ASP D 40 28.44 -8.33 13.72
C ASP D 40 27.09 -7.71 13.42
N GLY D 41 26.61 -6.82 14.29
CA GLY D 41 25.31 -6.19 14.16
C GLY D 41 25.03 -5.59 12.80
N GLU D 42 23.79 -5.69 12.34
CA GLU D 42 23.41 -5.21 11.02
C GLU D 42 22.35 -4.12 11.10
N PHE D 43 22.51 -3.07 10.29
CA PHE D 43 21.58 -1.95 10.26
C PHE D 43 21.29 -1.59 8.81
N ARG D 44 20.00 -1.59 8.44
CA ARG D 44 19.58 -1.17 7.11
C ARG D 44 18.65 0.03 7.24
N HIS D 45 19.06 1.18 6.72
CA HIS D 45 18.24 2.39 6.76
C HIS D 45 17.04 2.23 5.84
N ALA D 51 23.50 -1.73 3.37
CA ALA D 51 23.30 -1.93 4.81
C ALA D 51 24.63 -1.89 5.55
N ALA D 52 24.63 -1.28 6.73
CA ALA D 52 25.83 -1.20 7.56
C ALA D 52 26.04 -2.48 8.37
N HIS D 53 27.31 -2.82 8.57
CA HIS D 53 27.72 -4.00 9.31
C HIS D 53 28.75 -3.64 10.36
N THR D 54 28.71 -4.37 11.48
CA THR D 54 29.59 -4.19 12.63
C THR D 54 29.38 -2.85 13.32
N ARG D 55 29.79 -2.76 14.59
CA ARG D 55 29.60 -1.54 15.36
C ARG D 55 30.33 -0.36 14.72
N ALA D 56 31.56 -0.59 14.25
CA ALA D 56 32.33 0.46 13.60
C ALA D 56 31.64 0.93 12.32
N GLY D 57 31.10 0.00 11.54
CA GLY D 57 30.35 0.38 10.36
C GLY D 57 29.09 1.15 10.67
N ILE D 58 28.37 0.72 11.72
CA ILE D 58 27.17 1.44 12.11
C ILE D 58 27.53 2.82 12.63
N THR D 59 28.56 2.91 13.47
CA THR D 59 29.02 4.20 13.97
C THR D 59 29.39 5.14 12.83
N ALA D 60 30.15 4.64 11.84
CA ALA D 60 30.60 5.48 10.74
C ALA D 60 29.43 6.05 9.94
N VAL D 61 28.48 5.20 9.56
CA VAL D 61 27.32 5.66 8.80
C VAL D 61 26.53 6.70 9.59
N LEU D 62 26.38 6.50 10.90
CA LEU D 62 25.64 7.45 11.72
C LEU D 62 26.40 8.77 11.85
N GLU D 63 27.72 8.67 12.10
CA GLU D 63 28.56 9.87 12.11
C GLU D 63 28.34 10.69 10.86
N ASP D 64 28.05 10.03 9.73
CA ASP D 64 28.14 10.65 8.41
C ASP D 64 26.80 11.15 7.94
N PHE D 65 25.73 10.38 8.23
CA PHE D 65 24.41 10.94 8.03
C PHE D 65 24.26 12.25 8.79
N HIS D 66 24.69 12.30 10.05
CA HIS D 66 24.46 13.46 10.90
C HIS D 66 25.31 14.66 10.51
N ARG D 67 26.14 14.55 9.47
CA ARG D 67 26.81 15.73 8.94
C ARG D 67 25.84 16.80 8.47
N LYS D 68 24.61 16.38 8.11
CA LYS D 68 23.58 17.33 7.72
C LYS D 68 23.03 18.11 8.91
N PHE D 69 23.24 17.62 10.14
CA PHE D 69 22.68 18.24 11.35
C PHE D 69 23.82 18.79 12.19
N ASP D 70 23.89 20.12 12.29
CA ASP D 70 24.79 20.78 13.22
C ASP D 70 24.23 20.64 14.63
N ALA D 71 25.07 20.20 15.56
CA ALA D 71 24.62 19.94 16.92
C ALA D 71 24.14 21.21 17.63
N ARG D 72 24.56 22.39 17.16
CA ARG D 72 24.19 23.66 17.78
C ARG D 72 22.91 24.25 17.21
N LYS D 73 22.36 23.64 16.16
CA LYS D 73 21.16 24.13 15.48
C LYS D 73 20.01 23.12 15.49
N ILE D 74 20.31 21.83 15.55
CA ILE D 74 19.31 20.78 15.38
C ILE D 74 19.37 19.82 16.57
N GLN D 75 18.20 19.40 17.03
CA GLN D 75 18.08 18.34 18.02
C GLN D 75 17.03 17.35 17.52
N ARG D 76 17.45 16.11 17.32
CA ARG D 76 16.57 15.07 16.80
C ARG D 76 16.01 14.23 17.96
N ARG D 77 14.79 13.72 17.76
CA ARG D 77 14.17 12.81 18.71
C ARG D 77 13.47 11.70 17.92
N HIS D 78 13.78 10.46 18.25
CA HIS D 78 13.19 9.28 17.60
C HIS D 78 12.20 8.64 18.57
N TRP D 79 10.92 8.96 18.40
CA TRP D 79 9.88 8.37 19.24
C TRP D 79 9.50 6.98 18.74
N PHE D 80 9.29 6.06 19.67
CA PHE D 80 8.82 4.71 19.37
C PHE D 80 7.41 4.53 19.93
N ASP D 81 6.68 3.57 19.36
CA ASP D 81 5.34 3.28 19.85
C ASP D 81 4.89 1.90 19.38
N HIS D 82 4.03 1.28 20.18
CA HIS D 82 3.36 0.02 19.83
C HIS D 82 4.37 -1.07 19.47
N THR D 83 5.35 -1.25 20.35
CA THR D 83 6.27 -2.37 20.18
C THR D 83 5.50 -3.69 20.26
N ALA D 84 5.75 -4.56 19.30
CA ALA D 84 5.10 -5.86 19.22
C ALA D 84 6.17 -6.92 19.05
N LEU D 85 6.19 -7.90 19.95
CA LEU D 85 7.23 -8.92 19.96
C LEU D 85 6.68 -10.25 19.47
N SER D 86 7.59 -11.10 19.02
CA SER D 86 7.27 -12.41 18.48
C SER D 86 8.51 -13.29 18.57
N GLN D 87 8.29 -14.57 18.82
CA GLN D 87 9.37 -15.54 18.77
C GLN D 87 9.31 -16.32 17.48
N SER D 92 16.13 -15.79 19.71
CA SER D 92 16.02 -14.45 19.13
C SER D 92 14.60 -13.91 19.19
N ILE D 93 14.48 -12.59 19.30
CA ILE D 93 13.18 -11.93 19.39
C ILE D 93 13.01 -10.98 18.21
N THR D 94 11.96 -11.22 17.41
CA THR D 94 11.48 -10.21 16.47
C THR D 94 10.64 -9.14 17.16
N ALA D 95 11.03 -7.90 16.92
CA ALA D 95 10.32 -6.73 17.43
C ALA D 95 9.98 -5.82 16.28
N THR D 96 8.73 -5.35 16.24
CA THR D 96 8.28 -4.36 15.27
C THR D 96 7.66 -3.21 16.04
N SER D 97 8.14 -2.00 15.78
CA SER D 97 7.67 -0.81 16.48
C SER D 97 7.41 0.30 15.48
N TYR D 98 6.48 1.19 15.84
CA TYR D 98 6.33 2.44 15.13
C TYR D 98 7.46 3.39 15.52
N CYS D 99 7.86 4.23 14.58
CA CYS D 99 8.82 5.27 14.89
C CYS D 99 8.44 6.56 14.17
N LEU D 100 8.58 7.68 14.87
CA LEU D 100 8.30 9.00 14.34
C LEU D 100 9.49 9.89 14.67
N VAL D 101 10.10 10.48 13.66
CA VAL D 101 11.28 11.31 13.84
C VAL D 101 10.84 12.75 14.05
N LEU D 102 11.37 13.39 15.08
CA LEU D 102 11.17 14.80 15.35
C LEU D 102 12.46 15.54 15.08
N THR D 103 12.37 16.67 14.39
CA THR D 103 13.50 17.56 14.15
C THR D 103 13.20 18.89 14.81
N VAL D 104 13.93 19.21 15.87
CA VAL D 104 13.70 20.43 16.64
C VAL D 104 14.78 21.45 16.27
N HIS D 105 14.35 22.61 15.79
CA HIS D 105 15.24 23.68 15.41
C HIS D 105 15.42 24.66 16.56
N ALA D 106 16.64 25.19 16.69
CA ALA D 106 16.93 26.19 17.71
C ALA D 106 15.95 27.35 17.63
N ASP D 107 15.39 27.71 18.79
CA ASP D 107 14.49 28.85 18.96
C ASP D 107 13.17 28.68 18.21
N VAL D 108 12.82 27.46 17.81
CA VAL D 108 11.54 27.19 17.18
C VAL D 108 10.85 26.12 18.01
N LYS D 109 9.72 26.48 18.63
CA LYS D 109 9.09 25.60 19.61
C LYS D 109 8.44 24.39 18.93
N ALA D 110 7.84 24.59 17.76
CA ALA D 110 7.17 23.50 17.07
C ALA D 110 8.19 22.64 16.33
N PRO D 111 8.27 21.35 16.62
CA PRO D 111 9.18 20.48 15.85
C PRO D 111 8.65 20.23 14.46
N GLU D 112 9.56 19.87 13.56
CA GLU D 112 9.21 19.30 12.27
C GLU D 112 9.14 17.79 12.39
N PHE D 113 8.15 17.18 11.73
CA PHE D 113 7.88 15.77 11.87
C PHE D 113 8.16 15.01 10.58
N GLY D 114 8.54 13.75 10.73
CA GLY D 114 8.82 12.90 9.59
C GLY D 114 10.26 12.47 9.55
N PRO D 115 10.52 11.25 9.06
CA PRO D 115 9.51 10.33 8.54
C PRO D 115 8.79 9.50 9.60
N SER D 116 7.66 8.92 9.20
CA SER D 116 7.00 7.88 9.98
C SER D 116 7.53 6.52 9.52
N CYS D 117 7.96 5.69 10.47
CA CYS D 117 8.73 4.49 10.16
C CYS D 117 8.21 3.27 10.88
N LEU D 118 8.54 2.11 10.31
CA LEU D 118 8.46 0.82 10.98
C LEU D 118 9.88 0.35 11.28
N VAL D 119 10.11 -0.09 12.51
CA VAL D 119 11.42 -0.56 12.94
C VAL D 119 11.33 -2.06 13.16
N HIS D 120 11.99 -2.83 12.29
CA HIS D 120 12.01 -4.29 12.38
C HIS D 120 13.34 -4.73 13.02
N ASP D 121 13.25 -5.26 14.23
CA ASP D 121 14.44 -5.62 15.01
C ASP D 121 14.48 -7.12 15.27
N VAL D 122 15.71 -7.64 15.39
CA VAL D 122 15.96 -8.98 15.89
C VAL D 122 16.84 -8.85 17.12
N LEU D 123 16.32 -9.25 18.27
CA LEU D 123 16.99 -9.08 19.55
C LEU D 123 17.56 -10.39 20.07
N VAL D 124 18.77 -10.31 20.62
CA VAL D 124 19.43 -11.41 21.29
C VAL D 124 20.00 -10.89 22.60
N ARG D 125 20.51 -11.81 23.41
CA ARG D 125 21.12 -11.47 24.69
C ARG D 125 22.63 -11.66 24.60
N GLY D 126 23.38 -10.68 25.09
CA GLY D 126 24.83 -10.73 25.04
C GLY D 126 25.43 -11.57 26.15
N ALA D 127 26.77 -11.63 26.14
CA ALA D 127 27.48 -12.38 27.18
C ALA D 127 27.26 -11.80 28.56
N ASP D 128 27.07 -10.48 28.64
CA ASP D 128 26.76 -9.78 29.88
C ASP D 128 25.29 -9.92 30.28
N GLY D 129 24.52 -10.71 29.52
CA GLY D 129 23.10 -10.83 29.76
C GLY D 129 22.28 -9.62 29.35
N GLU D 130 22.91 -8.64 28.72
CA GLU D 130 22.19 -7.48 28.20
C GLU D 130 21.59 -7.80 26.84
N LEU D 131 20.48 -7.14 26.53
CA LEU D 131 19.89 -7.26 25.21
C LEU D 131 20.78 -6.61 24.17
N LEU D 132 20.72 -7.14 22.95
CA LEU D 132 21.51 -6.61 21.84
C LEU D 132 20.73 -6.82 20.55
N LEU D 133 21.07 -5.99 19.55
CA LEU D 133 20.38 -5.97 18.27
C LEU D 133 21.25 -6.69 17.24
N ARG D 134 20.74 -7.80 16.74
CA ARG D 134 21.39 -8.47 15.62
C ARG D 134 21.23 -7.67 14.35
N SER D 135 20.02 -7.20 14.11
CA SER D 135 19.69 -6.50 12.88
C SER D 135 18.59 -5.49 13.19
N ARG D 136 18.62 -4.39 12.45
CA ARG D 136 17.57 -3.38 12.48
C ARG D 136 17.29 -2.98 11.05
N HIS D 137 16.04 -3.15 10.61
CA HIS D 137 15.61 -2.77 9.27
C HIS D 137 14.50 -1.74 9.42
N VAL D 138 14.72 -0.55 8.85
CA VAL D 138 13.77 0.55 8.94
C VAL D 138 13.12 0.76 7.59
N THR D 139 11.79 0.76 7.57
CA THR D 139 11.01 1.09 6.38
C THR D 139 10.25 2.39 6.63
N HIS D 140 9.95 3.10 5.56
CA HIS D 140 9.33 4.41 5.63
C HIS D 140 7.88 4.34 5.16
N ASP D 141 6.97 4.88 5.97
CA ASP D 141 5.55 4.77 5.68
C ASP D 141 5.14 5.54 4.43
N HIS D 142 5.89 6.58 4.06
CA HIS D 142 5.56 7.36 2.87
C HIS D 142 6.15 6.78 1.60
N VAL D 143 6.95 5.72 1.69
CA VAL D 143 7.52 5.07 0.52
C VAL D 143 6.65 3.85 0.22
N PHE D 144 5.90 3.93 -0.88
CA PHE D 144 4.98 2.86 -1.26
C PHE D 144 5.57 1.98 -2.35
N PRO E 7 13.47 -4.91 38.49
CA PRO E 7 13.97 -4.02 37.44
C PRO E 7 12.93 -3.80 36.34
N THR E 8 12.54 -4.87 35.66
CA THR E 8 11.45 -4.76 34.68
C THR E 8 10.13 -4.45 35.36
N GLY E 9 9.97 -4.89 36.61
CA GLY E 9 8.79 -4.52 37.36
C GLY E 9 8.78 -3.05 37.74
N LEU E 10 9.93 -2.51 38.09
CA LEU E 10 10.03 -1.07 38.37
C LEU E 10 9.76 -0.24 37.11
N TYR E 11 10.22 -0.71 35.96
CA TYR E 11 10.04 0.05 34.73
C TYR E 11 8.56 0.18 34.38
N ALA E 12 7.82 -0.93 34.43
CA ALA E 12 6.39 -0.87 34.18
C ALA E 12 5.67 -0.03 35.23
N GLU E 13 6.14 -0.09 36.48
CA GLU E 13 5.54 0.72 37.54
C GLU E 13 5.74 2.20 37.28
N VAL E 14 6.91 2.58 36.76
CA VAL E 14 7.16 3.99 36.46
C VAL E 14 6.28 4.46 35.30
N LEU E 15 6.18 3.63 34.25
CA LEU E 15 5.31 3.98 33.13
C LEU E 15 3.86 4.15 33.60
N SER E 16 3.38 3.24 34.44
CA SER E 16 2.03 3.37 34.99
C SER E 16 1.90 4.63 35.83
N PHE E 17 2.91 4.89 36.67
CA PHE E 17 2.96 6.12 37.47
C PHE E 17 2.80 7.36 36.59
N TYR E 18 3.55 7.41 35.48
CA TYR E 18 3.47 8.55 34.57
C TYR E 18 2.11 8.62 33.88
N GLY E 19 1.52 7.47 33.57
CA GLY E 19 0.23 7.47 32.89
C GLY E 19 -0.86 8.11 33.73
N HIS E 20 -0.97 7.71 34.99
CA HIS E 20 -1.94 8.32 35.89
C HIS E 20 -1.59 9.78 36.17
N GLN E 21 -0.31 10.08 36.35
CA GLN E 21 0.11 11.41 36.74
C GLN E 21 -0.22 12.45 35.68
N MSE E 22 0.09 12.15 34.42
CA MSE E 22 -0.07 13.11 33.34
C MSE E 22 -1.53 13.28 32.92
O MSE E 22 -1.94 14.35 32.48
CB MSE E 22 0.78 12.69 32.14
CG MSE E 22 2.26 12.85 32.41
SE MSE E 22 2.76 14.72 32.27
CE MSE E 22 3.28 14.98 34.10
N GLN E 23 -2.30 12.20 33.06
CA GLN E 23 -3.74 12.33 32.82
C GLN E 23 -4.39 13.23 33.86
N LYS E 24 -3.84 13.26 35.09
CA LYS E 24 -4.32 14.20 36.09
C LYS E 24 -3.96 15.63 35.73
N LEU E 25 -2.70 15.85 35.31
CA LEU E 25 -2.27 17.17 34.89
C LEU E 25 -3.12 17.68 33.72
N ASP E 26 -3.28 16.85 32.68
CA ASP E 26 -4.02 17.26 31.51
C ASP E 26 -5.52 17.34 31.77
N GLY E 27 -6.01 16.64 32.79
CA GLY E 27 -7.37 16.75 33.25
C GLY E 27 -7.61 17.85 34.25
N ARG E 28 -6.62 18.72 34.45
CA ARG E 28 -6.71 19.86 35.36
C ARG E 28 -6.90 19.44 36.81
N ASP E 29 -6.40 18.25 37.17
CA ASP E 29 -6.33 17.82 38.57
C ASP E 29 -4.96 18.18 39.13
N PHE E 30 -4.79 19.48 39.38
CA PHE E 30 -3.47 20.00 39.73
C PHE E 30 -3.05 19.56 41.12
N ALA E 31 -4.00 19.47 42.05
CA ALA E 31 -3.67 18.95 43.39
C ALA E 31 -3.30 17.48 43.33
N GLY E 32 -4.03 16.68 42.55
CA GLY E 32 -3.69 15.29 42.40
C GLY E 32 -2.33 15.10 41.75
N TYR E 33 -1.98 15.97 40.80
CA TYR E 33 -0.65 15.92 40.20
C TYR E 33 0.42 16.25 41.22
N ALA E 34 0.21 17.30 42.01
CA ALA E 34 1.19 17.66 43.02
C ALA E 34 1.33 16.59 44.09
N ALA E 35 0.28 15.80 44.31
CA ALA E 35 0.34 14.72 45.28
C ALA E 35 1.26 13.59 44.85
N THR E 36 1.65 13.55 43.57
CA THR E 36 2.65 12.58 43.12
C THR E 36 4.07 13.01 43.41
N PHE E 37 4.26 14.19 43.98
CA PHE E 37 5.56 14.66 44.47
C PHE E 37 5.66 14.41 45.97
N THR E 38 6.90 14.36 46.46
CA THR E 38 7.10 14.38 47.90
C THR E 38 6.64 15.72 48.47
N GLU E 39 6.51 15.78 49.79
CA GLU E 39 5.96 16.97 50.42
C GLU E 39 6.86 18.19 50.23
N ASP E 40 8.17 17.99 50.00
CA ASP E 40 9.07 19.07 49.58
C ASP E 40 9.30 19.08 48.08
N GLY E 41 8.44 18.40 47.31
CA GLY E 41 8.70 18.23 45.89
C GLY E 41 9.25 19.47 45.23
N GLU E 42 10.18 19.29 44.30
CA GLU E 42 10.76 20.39 43.54
C GLU E 42 10.36 20.24 42.07
N PHE E 43 9.89 21.32 41.47
CA PHE E 43 9.46 21.32 40.08
C PHE E 43 10.06 22.54 39.39
N ARG E 44 10.96 22.30 38.44
CA ARG E 44 11.60 23.37 37.68
C ARG E 44 11.21 23.24 36.22
N HIS E 45 10.51 24.25 35.70
CA HIS E 45 10.11 24.25 34.30
C HIS E 45 11.16 24.88 33.39
N SER E 46 11.99 25.78 33.91
CA SER E 46 13.03 26.42 33.13
C SER E 46 14.31 26.61 33.95
N PRO E 50 12.29 30.35 38.47
CA PRO E 50 12.68 29.62 39.69
C PRO E 50 11.82 28.39 39.93
N ALA E 51 12.39 27.40 40.62
CA ALA E 51 11.69 26.14 40.85
C ALA E 51 10.64 26.29 41.93
N ALA E 52 9.51 25.60 41.73
CA ALA E 52 8.48 25.55 42.75
C ALA E 52 8.82 24.48 43.78
N HIS E 53 8.42 24.74 45.03
CA HIS E 53 8.72 23.84 46.14
C HIS E 53 7.44 23.50 46.89
N THR E 54 7.41 22.28 47.43
CA THR E 54 6.29 21.71 48.17
C THR E 54 5.08 21.47 47.28
N ARG E 55 4.15 20.63 47.75
CA ARG E 55 2.96 20.31 46.97
C ARG E 55 2.10 21.54 46.76
N ALA E 56 1.99 22.40 47.78
CA ALA E 56 1.19 23.61 47.65
C ALA E 56 1.80 24.57 46.64
N GLY E 57 3.13 24.69 46.64
CA GLY E 57 3.78 25.54 45.66
C GLY E 57 3.65 25.01 44.25
N ILE E 58 3.75 23.69 44.08
CA ILE E 58 3.59 23.09 42.76
C ILE E 58 2.16 23.26 42.26
N THR E 59 1.18 23.03 43.14
CA THR E 59 -0.21 23.25 42.78
C THR E 59 -0.45 24.68 42.32
N ALA E 60 0.08 25.65 43.07
CA ALA E 60 -0.15 27.06 42.75
C ALA E 60 0.42 27.41 41.38
N VAL E 61 1.65 26.94 41.10
CA VAL E 61 2.27 27.24 39.82
C VAL E 61 1.43 26.68 38.67
N LEU E 62 0.92 25.46 38.83
CA LEU E 62 0.13 24.85 37.76
C LEU E 62 -1.24 25.48 37.64
N GLU E 63 -1.90 25.76 38.76
CA GLU E 63 -3.24 26.36 38.71
C GLU E 63 -3.20 27.74 38.09
N ASP E 64 -2.09 28.47 38.22
CA ASP E 64 -1.98 29.79 37.63
C ASP E 64 -1.44 29.74 36.21
N PHE E 65 -0.46 28.87 35.94
CA PHE E 65 0.04 28.75 34.57
C PHE E 65 -1.04 28.23 33.62
N HIS E 66 -1.95 27.41 34.13
CA HIS E 66 -3.06 26.92 33.32
C HIS E 66 -4.00 28.04 32.90
N ARG E 67 -4.01 29.16 33.64
CA ARG E 67 -4.93 30.26 33.33
C ARG E 67 -4.69 30.85 31.95
N LYS E 68 -3.52 30.63 31.35
CA LYS E 68 -3.29 31.07 29.98
C LYS E 68 -4.25 30.40 29.01
N PHE E 69 -4.62 29.15 29.28
CA PHE E 69 -5.35 28.32 28.33
C PHE E 69 -6.82 28.31 28.72
N ASP E 70 -7.64 29.04 27.97
CA ASP E 70 -9.09 28.97 28.15
C ASP E 70 -9.52 27.54 27.84
N ALA E 71 -9.96 26.81 28.85
CA ALA E 71 -10.19 25.38 28.69
C ALA E 71 -11.39 25.06 27.82
N ARG E 72 -12.21 26.06 27.47
CA ARG E 72 -13.27 25.89 26.48
C ARG E 72 -12.77 26.10 25.06
N LYS E 73 -11.50 26.47 24.88
CA LYS E 73 -10.90 26.61 23.56
C LYS E 73 -9.65 25.76 23.37
N ILE E 74 -9.02 25.29 24.43
CA ILE E 74 -7.71 24.67 24.39
C ILE E 74 -7.69 23.47 25.32
N GLN E 75 -7.22 22.33 24.80
CA GLN E 75 -7.00 21.13 25.60
C GLN E 75 -5.57 20.64 25.34
N ARG E 76 -4.79 20.50 26.41
CA ARG E 76 -3.39 20.12 26.30
C ARG E 76 -3.18 18.66 26.64
N ARG E 77 -2.15 18.06 26.03
CA ARG E 77 -1.77 16.68 26.28
C ARG E 77 -0.25 16.60 26.35
N HIS E 78 0.27 15.97 27.40
CA HIS E 78 1.71 15.82 27.61
C HIS E 78 2.08 14.37 27.34
N TRP E 79 2.56 14.10 26.12
CA TRP E 79 3.00 12.76 25.74
C TRP E 79 4.41 12.51 26.26
N PHE E 80 4.65 11.29 26.75
CA PHE E 80 5.97 10.83 27.19
C PHE E 80 6.45 9.71 26.27
N ASP E 81 7.77 9.52 26.25
CA ASP E 81 8.36 8.43 25.47
C ASP E 81 9.78 8.15 25.95
N HIS E 82 10.21 6.91 25.74
CA HIS E 82 11.60 6.50 25.93
C HIS E 82 12.11 6.81 27.35
N THR E 83 11.32 6.41 28.35
CA THR E 83 11.78 6.52 29.72
C THR E 83 13.00 5.65 29.95
N ALA E 84 14.03 6.23 30.56
CA ALA E 84 15.28 5.53 30.85
C ALA E 84 15.62 5.73 32.32
N LEU E 85 15.78 4.63 33.05
CA LEU E 85 15.98 4.65 34.50
C LEU E 85 17.41 4.26 34.86
N SER E 86 17.82 4.71 36.05
CA SER E 86 19.09 4.32 36.64
C SER E 86 19.04 4.60 38.14
N GLN E 87 19.75 3.77 38.90
CA GLN E 87 19.83 3.86 40.35
C GLN E 87 20.91 4.86 40.74
N ALA E 88 20.57 5.84 41.56
CA ALA E 88 21.53 6.82 42.02
C ALA E 88 22.26 6.33 43.28
N SER E 89 23.25 7.11 43.74
CA SER E 89 24.08 6.67 44.86
C SER E 89 23.27 6.58 46.15
N ASP E 90 22.25 7.41 46.29
CA ASP E 90 21.47 7.49 47.53
C ASP E 90 20.26 6.56 47.54
N GLY E 91 20.14 5.67 46.56
CA GLY E 91 18.99 4.81 46.44
C GLY E 91 17.83 5.39 45.64
N SER E 92 17.93 6.65 45.22
CA SER E 92 16.89 7.23 44.39
C SER E 92 17.03 6.73 42.95
N ILE E 93 15.92 6.81 42.22
CA ILE E 93 15.86 6.41 40.81
C ILE E 93 15.89 7.66 39.96
N THR E 94 16.90 7.77 39.09
CA THR E 94 16.98 8.85 38.13
C THR E 94 16.24 8.42 36.86
N ALA E 95 15.35 9.28 36.37
CA ALA E 95 14.53 8.98 35.21
C ALA E 95 14.62 10.12 34.21
N THR E 96 14.89 9.78 32.95
CA THR E 96 14.88 10.74 31.85
C THR E 96 13.91 10.25 30.79
N SER E 97 12.98 11.11 30.39
CA SER E 97 11.96 10.77 29.40
C SER E 97 11.83 11.90 28.40
N TYR E 98 11.45 11.54 27.18
CA TYR E 98 11.01 12.53 26.21
C TYR E 98 9.60 13.00 26.55
N CYS E 99 9.31 14.26 26.27
CA CYS E 99 7.95 14.75 26.41
C CYS E 99 7.62 15.66 25.23
N LEU E 100 6.41 15.52 24.70
CA LEU E 100 5.94 16.34 23.59
C LEU E 100 4.56 16.88 23.97
N VAL E 101 4.42 18.20 23.96
CA VAL E 101 3.18 18.85 24.33
C VAL E 101 2.31 19.01 23.10
N LEU E 102 1.04 18.63 23.22
CA LEU E 102 0.03 18.82 22.19
C LEU E 102 -0.93 19.89 22.67
N THR E 103 -1.22 20.86 21.81
CA THR E 103 -2.23 21.89 22.08
C THR E 103 -3.35 21.73 21.07
N VAL E 104 -4.51 21.28 21.53
CA VAL E 104 -5.66 21.01 20.67
C VAL E 104 -6.63 22.18 20.80
N HIS E 105 -6.91 22.83 19.67
CA HIS E 105 -7.85 23.94 19.62
C HIS E 105 -9.25 23.43 19.30
N ALA E 106 -10.26 24.04 19.91
CA ALA E 106 -11.64 23.67 19.66
C ALA E 106 -11.95 23.74 18.17
N ASP E 107 -12.56 22.67 17.66
CA ASP E 107 -13.02 22.56 16.27
C ASP E 107 -11.87 22.60 15.25
N VAL E 108 -10.63 22.36 15.69
CA VAL E 108 -9.49 22.30 14.78
C VAL E 108 -8.82 20.95 14.99
N LYS E 109 -8.82 20.12 13.94
CA LYS E 109 -8.48 18.71 14.12
C LYS E 109 -6.98 18.51 14.28
N ALA E 110 -6.16 19.27 13.57
CA ALA E 110 -4.71 19.14 13.70
C ALA E 110 -4.25 19.86 14.95
N PRO E 111 -3.59 19.19 15.90
CA PRO E 111 -3.04 19.89 17.05
C PRO E 111 -1.82 20.70 16.67
N GLU E 112 -1.51 21.70 17.51
CA GLU E 112 -0.19 22.32 17.49
C GLU E 112 0.74 21.52 18.38
N PHE E 113 1.99 21.40 17.95
CA PHE E 113 2.99 20.62 18.67
C PHE E 113 4.07 21.54 19.23
N GLY E 114 4.63 21.14 20.36
CA GLY E 114 5.67 21.90 20.99
C GLY E 114 5.28 22.43 22.35
N PRO E 115 6.25 22.53 23.27
CA PRO E 115 7.64 22.17 23.01
C PRO E 115 7.95 20.68 23.08
N SER E 116 9.08 20.29 22.50
CA SER E 116 9.66 18.97 22.72
C SER E 116 10.60 19.09 23.91
N CYS E 117 10.45 18.18 24.87
CA CYS E 117 11.09 18.35 26.16
C CYS E 117 11.86 17.11 26.58
N LEU E 118 12.82 17.33 27.48
CA LEU E 118 13.44 16.29 28.28
C LEU E 118 12.94 16.45 29.71
N VAL E 119 12.47 15.36 30.30
CA VAL E 119 11.95 15.37 31.66
C VAL E 119 12.95 14.63 32.54
N HIS E 120 13.64 15.36 33.41
CA HIS E 120 14.62 14.80 34.34
C HIS E 120 13.95 14.64 35.70
N ASP E 121 13.71 13.39 36.11
CA ASP E 121 12.99 13.08 37.33
C ASP E 121 13.91 12.37 38.31
N VAL E 122 13.63 12.57 39.60
CA VAL E 122 14.22 11.77 40.68
C VAL E 122 13.07 11.12 41.42
N LEU E 123 13.01 9.80 41.38
CA LEU E 123 11.92 9.04 41.98
C LEU E 123 12.37 8.42 43.30
N VAL E 124 11.52 8.52 44.31
CA VAL E 124 11.71 7.84 45.58
C VAL E 124 10.40 7.18 45.97
N ARG E 125 10.41 6.44 47.07
CA ARG E 125 9.23 5.75 47.55
C ARG E 125 8.73 6.39 48.84
N GLY E 126 7.41 6.50 48.96
CA GLY E 126 6.81 7.03 50.16
C GLY E 126 6.72 6.00 51.27
N ALA E 127 6.07 6.40 52.36
CA ALA E 127 5.92 5.50 53.50
C ALA E 127 5.08 4.28 53.14
N ASP E 128 4.12 4.43 52.22
CA ASP E 128 3.28 3.33 51.78
C ASP E 128 3.88 2.54 50.63
N GLY E 129 5.15 2.76 50.31
CA GLY E 129 5.78 2.06 49.22
C GLY E 129 5.44 2.58 47.83
N GLU E 130 4.58 3.60 47.73
CA GLU E 130 4.23 4.15 46.43
C GLU E 130 5.34 5.04 45.91
N LEU E 131 5.41 5.15 44.58
CA LEU E 131 6.41 6.00 43.97
C LEU E 131 6.04 7.47 44.14
N LEU E 132 7.07 8.30 44.34
CA LEU E 132 6.88 9.73 44.47
C LEU E 132 8.06 10.45 43.81
N LEU E 133 7.79 11.68 43.35
CA LEU E 133 8.79 12.50 42.69
C LEU E 133 9.44 13.40 43.73
N ARG E 134 10.75 13.20 43.95
CA ARG E 134 11.50 14.17 44.73
C ARG E 134 11.71 15.46 43.96
N SER E 135 11.95 15.37 42.65
CA SER E 135 12.18 16.54 41.83
C SER E 135 11.81 16.22 40.38
N ARG E 136 11.44 17.27 39.66
CA ARG E 136 11.21 17.19 38.22
C ARG E 136 11.82 18.43 37.58
N HIS E 137 12.71 18.22 36.61
CA HIS E 137 13.37 19.30 35.89
CA HIS E 137 13.37 19.30 35.89
C HIS E 137 13.09 19.12 34.40
N VAL E 138 12.47 20.11 33.79
CA VAL E 138 12.09 20.06 32.38
C VAL E 138 13.00 21.00 31.59
N THR E 139 13.62 20.48 30.54
CA THR E 139 14.38 21.29 29.60
C THR E 139 13.71 21.24 28.24
N HIS E 140 13.93 22.27 27.43
CA HIS E 140 13.27 22.42 26.15
C HIS E 140 14.26 22.23 25.01
N ASP E 141 13.91 21.35 24.07
CA ASP E 141 14.85 20.96 23.02
C ASP E 141 15.20 22.12 22.09
N HIS E 142 14.32 23.09 21.95
CA HIS E 142 14.58 24.23 21.07
C HIS E 142 15.37 25.34 21.76
N VAL E 143 15.65 25.22 23.05
CA VAL E 143 16.44 26.20 23.78
C VAL E 143 17.87 25.67 23.88
N PHE E 144 18.79 26.32 23.17
CA PHE E 144 20.16 25.83 23.15
C PHE E 144 21.05 26.63 24.08
N PRO E 145 22.07 25.98 24.69
CA PRO E 145 23.03 26.55 25.65
C PRO E 145 23.44 28.00 25.37
N THR F 8 3.34 -3.09 36.24
CA THR F 8 3.12 -4.48 36.62
C THR F 8 3.26 -5.41 35.43
N GLY F 9 3.09 -6.71 35.68
CA GLY F 9 2.97 -7.64 34.57
C GLY F 9 1.74 -7.38 33.73
N LEU F 10 0.65 -6.99 34.38
CA LEU F 10 -0.57 -6.66 33.64
C LEU F 10 -0.37 -5.43 32.77
N TYR F 11 0.37 -4.44 33.27
CA TYR F 11 0.57 -3.19 32.51
C TYR F 11 1.34 -3.45 31.23
N ALA F 12 2.44 -4.20 31.31
CA ALA F 12 3.19 -4.57 30.11
C ALA F 12 2.34 -5.43 29.18
N GLU F 13 1.51 -6.31 29.75
CA GLU F 13 0.65 -7.15 28.93
C GLU F 13 -0.36 -6.31 28.15
N VAL F 14 -0.89 -5.26 28.78
CA VAL F 14 -1.84 -4.38 28.10
C VAL F 14 -1.15 -3.61 26.98
N LEU F 15 0.06 -3.09 27.24
CA LEU F 15 0.82 -2.40 26.21
C LEU F 15 1.10 -3.32 25.02
N SER F 16 1.50 -4.56 25.30
CA SER F 16 1.72 -5.54 24.23
C SER F 16 0.42 -5.82 23.48
N PHE F 17 -0.68 -6.01 24.22
CA PHE F 17 -1.99 -6.18 23.61
C PHE F 17 -2.31 -5.04 22.65
N TYR F 18 -2.07 -3.79 23.09
CA TYR F 18 -2.33 -2.64 22.23
C TYR F 18 -1.38 -2.61 21.03
N GLY F 19 -0.12 -3.02 21.24
CA GLY F 19 0.84 -3.00 20.16
C GLY F 19 0.44 -3.89 19.00
N HIS F 20 0.08 -5.14 19.29
CA HIS F 20 -0.40 -6.05 18.25
C HIS F 20 -1.72 -5.56 17.67
N GLN F 21 -2.62 -5.08 18.54
CA GLN F 21 -3.96 -4.70 18.10
C GLN F 21 -3.91 -3.57 17.08
N MSE F 22 -3.15 -2.52 17.38
CA MSE F 22 -3.14 -1.33 16.53
C MSE F 22 -2.37 -1.56 15.23
O MSE F 22 -2.68 -0.96 14.21
CB MSE F 22 -2.54 -0.15 17.29
CG MSE F 22 -3.44 0.38 18.38
SE MSE F 22 -5.19 0.80 17.65
CE MSE F 22 -6.26 -0.19 18.85
N GLN F 23 -1.37 -2.44 15.28
CA GLN F 23 -0.67 -2.79 14.04
C GLN F 23 -1.57 -3.56 13.08
N LYS F 24 -2.50 -4.37 13.61
CA LYS F 24 -3.53 -4.99 12.78
C LYS F 24 -4.43 -3.93 12.16
N LEU F 25 -4.98 -3.04 12.98
CA LEU F 25 -5.86 -1.99 12.48
C LEU F 25 -5.17 -1.17 11.40
N ASP F 26 -3.96 -0.69 11.67
CA ASP F 26 -3.25 0.13 10.71
C ASP F 26 -2.78 -0.65 9.49
N GLY F 27 -2.66 -1.98 9.62
CA GLY F 27 -2.40 -2.87 8.50
C GLY F 27 -3.64 -3.35 7.80
N ARG F 28 -4.79 -2.69 8.05
CA ARG F 28 -6.08 -3.09 7.53
C ARG F 28 -6.49 -4.51 7.88
N ASP F 29 -6.02 -5.06 9.00
CA ASP F 29 -6.51 -6.37 9.42
C ASP F 29 -7.71 -6.13 10.35
N PHE F 30 -8.79 -5.70 9.71
CA PHE F 30 -9.98 -5.29 10.45
C PHE F 30 -10.61 -6.48 11.17
N ALA F 31 -10.58 -7.66 10.55
CA ALA F 31 -11.06 -8.85 11.23
C ALA F 31 -10.15 -9.24 12.38
N GLY F 32 -8.83 -9.15 12.18
CA GLY F 32 -7.91 -9.40 13.28
C GLY F 32 -8.08 -8.39 14.40
N TYR F 33 -8.30 -7.13 14.05
CA TYR F 33 -8.55 -6.11 15.07
C TYR F 33 -9.84 -6.39 15.83
N ALA F 34 -10.91 -6.72 15.10
CA ALA F 34 -12.18 -7.05 15.75
C ALA F 34 -12.05 -8.29 16.63
N ALA F 35 -11.12 -9.19 16.28
CA ALA F 35 -10.93 -10.40 17.08
C ALA F 35 -10.35 -10.09 18.47
N THR F 36 -9.81 -8.90 18.68
CA THR F 36 -9.35 -8.49 20.00
C THR F 36 -10.48 -8.02 20.90
N PHE F 37 -11.71 -7.97 20.39
CA PHE F 37 -12.89 -7.69 21.18
C PHE F 37 -13.56 -8.99 21.60
N THR F 38 -14.37 -8.90 22.65
CA THR F 38 -15.25 -10.03 22.96
C THR F 38 -16.29 -10.19 21.85
N GLU F 39 -16.92 -11.37 21.82
CA GLU F 39 -17.88 -11.64 20.76
C GLU F 39 -19.08 -10.70 20.84
N ASP F 40 -19.44 -10.24 22.04
CA ASP F 40 -20.41 -9.17 22.20
C ASP F 40 -19.76 -7.80 22.24
N GLY F 41 -18.55 -7.68 21.68
CA GLY F 41 -17.75 -6.46 21.75
C GLY F 41 -18.47 -5.20 21.31
N GLU F 42 -18.23 -4.11 22.03
CA GLU F 42 -18.88 -2.83 21.77
C GLU F 42 -17.83 -1.80 21.38
N PHE F 43 -18.11 -1.04 20.31
CA PHE F 43 -17.19 -0.03 19.83
C PHE F 43 -17.95 1.24 19.48
N ARG F 44 -17.52 2.36 20.04
CA ARG F 44 -18.14 3.66 19.78
C ARG F 44 -17.08 4.70 19.49
N HIS F 45 -17.31 5.50 18.45
CA HIS F 45 -16.31 6.45 17.97
C HIS F 45 -16.86 7.87 17.76
N SER F 46 -18.17 8.09 17.86
CA SER F 46 -18.74 9.39 17.56
C SER F 46 -20.04 9.56 18.32
N PRO F 47 -20.38 10.79 18.73
CA PRO F 47 -21.66 10.99 19.43
C PRO F 47 -22.88 10.93 18.52
N SER F 48 -22.73 11.21 17.23
CA SER F 48 -23.86 11.18 16.31
C SER F 48 -24.19 9.77 15.83
N LEU F 49 -23.25 8.83 15.93
CA LEU F 49 -23.45 7.46 15.49
C LEU F 49 -23.64 6.53 16.69
N PRO F 50 -24.50 5.53 16.58
CA PRO F 50 -24.62 4.55 17.65
C PRO F 50 -23.43 3.61 17.68
N ALA F 51 -23.27 2.93 18.81
CA ALA F 51 -22.14 2.04 19.00
C ALA F 51 -22.30 0.77 18.18
N ALA F 52 -21.19 0.28 17.64
CA ALA F 52 -21.19 -0.98 16.93
C ALA F 52 -21.11 -2.13 17.93
N HIS F 53 -21.75 -3.24 17.57
CA HIS F 53 -21.82 -4.41 18.44
C HIS F 53 -21.38 -5.65 17.68
N THR F 54 -20.75 -6.57 18.42
CA THR F 54 -20.20 -7.82 17.90
C THR F 54 -19.05 -7.61 16.94
N ARG F 55 -18.23 -8.66 16.76
CA ARG F 55 -17.05 -8.56 15.89
C ARG F 55 -17.45 -8.25 14.46
N ALA F 56 -18.52 -8.88 13.96
CA ALA F 56 -18.96 -8.61 12.59
C ALA F 56 -19.40 -7.15 12.44
N GLY F 57 -20.11 -6.61 13.43
CA GLY F 57 -20.48 -5.21 13.38
C GLY F 57 -19.29 -4.28 13.45
N ILE F 58 -18.31 -4.63 14.28
CA ILE F 58 -17.09 -3.81 14.39
C ILE F 58 -16.30 -3.86 13.09
N THR F 59 -16.17 -5.06 12.51
CA THR F 59 -15.49 -5.19 11.22
C THR F 59 -16.18 -4.35 10.14
N ALA F 60 -17.52 -4.41 10.10
CA ALA F 60 -18.26 -3.66 9.08
C ALA F 60 -18.00 -2.17 9.19
N VAL F 61 -18.05 -1.63 10.41
CA VAL F 61 -17.80 -0.20 10.61
C VAL F 61 -16.42 0.19 10.09
N LEU F 62 -15.43 -0.67 10.33
CA LEU F 62 -14.05 -0.37 9.91
C LEU F 62 -13.91 -0.35 8.39
N GLU F 63 -14.49 -1.34 7.71
CA GLU F 63 -14.49 -1.33 6.25
C GLU F 63 -15.09 -0.04 5.70
N ASP F 64 -16.20 0.41 6.27
CA ASP F 64 -16.90 1.58 5.74
C ASP F 64 -16.07 2.85 5.97
N PHE F 65 -15.62 3.07 7.20
CA PHE F 65 -14.79 4.24 7.50
C PHE F 65 -13.53 4.27 6.64
N HIS F 66 -12.99 3.09 6.32
CA HIS F 66 -11.77 3.00 5.51
C HIS F 66 -12.08 3.22 4.03
N PHE F 69 -10.15 5.77 2.39
CA PHE F 69 -8.71 5.92 2.26
C PHE F 69 -8.15 5.02 1.17
N ASP F 70 -7.52 5.63 0.16
CA ASP F 70 -6.90 4.86 -0.91
C ASP F 70 -5.72 4.05 -0.36
N ALA F 71 -5.72 2.74 -0.64
CA ALA F 71 -4.70 1.86 -0.08
C ALA F 71 -3.30 2.28 -0.54
N ARG F 72 -3.15 2.56 -1.83
CA ARG F 72 -1.85 2.91 -2.40
C ARG F 72 -1.49 4.38 -2.20
N LYS F 73 -2.26 5.11 -1.40
CA LYS F 73 -2.03 6.53 -1.18
C LYS F 73 -1.91 6.91 0.28
N ILE F 74 -2.57 6.19 1.19
CA ILE F 74 -2.64 6.57 2.59
C ILE F 74 -2.21 5.40 3.47
N GLN F 75 -1.43 5.71 4.50
CA GLN F 75 -1.05 4.75 5.52
C GLN F 75 -1.30 5.43 6.87
N ARG F 76 -2.20 4.85 7.66
CA ARG F 76 -2.57 5.42 8.94
C ARG F 76 -1.80 4.74 10.07
N ARG F 77 -1.57 5.51 11.13
CA ARG F 77 -0.93 5.02 12.35
C ARG F 77 -1.67 5.59 13.54
N HIS F 78 -2.09 4.71 14.45
CA HIS F 78 -2.80 5.10 15.66
C HIS F 78 -1.84 4.96 16.83
N TRP F 79 -1.21 6.06 17.21
CA TRP F 79 -0.27 6.06 18.34
C TRP F 79 -1.04 6.13 19.66
N PHE F 80 -0.58 5.38 20.65
CA PHE F 80 -1.12 5.41 22.00
C PHE F 80 -0.09 5.98 22.96
N ASP F 81 -0.56 6.48 24.09
CA ASP F 81 0.34 7.01 25.10
C ASP F 81 -0.36 7.09 26.45
N HIS F 82 0.44 6.96 27.52
CA HIS F 82 -0.02 7.17 28.89
C HIS F 82 -1.22 6.29 29.23
N THR F 83 -1.10 5.01 28.94
CA THR F 83 -2.13 4.07 29.37
C THR F 83 -2.22 4.06 30.89
N ALA F 84 -3.45 4.16 31.40
CA ALA F 84 -3.70 4.17 32.83
C ALA F 84 -4.78 3.15 33.14
N LEU F 85 -4.48 2.20 34.01
CA LEU F 85 -5.37 1.09 34.33
C LEU F 85 -5.94 1.23 35.73
N SER F 86 -7.09 0.61 35.94
CA SER F 86 -7.75 0.60 37.24
C SER F 86 -8.76 -0.54 37.25
N GLN F 87 -9.00 -1.08 38.44
CA GLN F 87 -9.81 -2.28 38.63
C GLN F 87 -11.25 -1.88 38.91
N ALA F 88 -12.16 -2.32 38.06
CA ALA F 88 -13.57 -2.00 38.24
C ALA F 88 -14.21 -2.92 39.27
N SER F 89 -15.49 -2.63 39.59
CA SER F 89 -16.18 -3.38 40.63
C SER F 89 -16.43 -4.82 40.23
N ASP F 90 -16.63 -5.09 38.94
CA ASP F 90 -16.98 -6.42 38.46
C ASP F 90 -15.76 -7.25 38.07
N GLY F 91 -14.55 -6.78 38.38
CA GLY F 91 -13.35 -7.49 38.02
C GLY F 91 -12.74 -7.09 36.69
N SER F 92 -13.39 -6.21 35.94
CA SER F 92 -12.84 -5.76 34.67
C SER F 92 -11.77 -4.70 34.91
N ILE F 93 -10.91 -4.52 33.90
CA ILE F 93 -9.88 -3.48 33.93
C ILE F 93 -10.32 -2.35 33.02
N THR F 94 -10.53 -1.17 33.60
CA THR F 94 -10.77 0.04 32.83
C THR F 94 -9.43 0.64 32.42
N ALA F 95 -9.28 0.93 31.12
CA ALA F 95 -8.07 1.52 30.59
C ALA F 95 -8.39 2.81 29.86
N THR F 96 -7.60 3.84 30.12
CA THR F 96 -7.69 5.12 29.43
C THR F 96 -6.32 5.46 28.86
N SER F 97 -6.28 5.73 27.56
CA SER F 97 -5.03 6.02 26.87
C SER F 97 -5.22 7.26 26.00
N TYR F 98 -4.12 7.99 25.80
CA TYR F 98 -4.09 9.01 24.76
C TYR F 98 -3.93 8.33 23.41
N CYS F 99 -4.52 8.94 22.38
CA CYS F 99 -4.32 8.45 21.03
C CYS F 99 -4.13 9.62 20.07
N LEU F 100 -3.20 9.46 19.14
CA LEU F 100 -2.92 10.44 18.11
C LEU F 100 -2.88 9.73 16.78
N VAL F 101 -3.73 10.14 15.84
CA VAL F 101 -3.83 9.51 14.54
C VAL F 101 -2.87 10.20 13.59
N LEU F 102 -2.08 9.40 12.88
CA LEU F 102 -1.19 9.88 11.83
C LEU F 102 -1.74 9.45 10.48
N THR F 103 -1.76 10.36 9.53
CA THR F 103 -2.13 10.06 8.14
C THR F 103 -0.90 10.34 7.28
N VAL F 104 -0.30 9.28 6.75
CA VAL F 104 0.93 9.38 5.97
C VAL F 104 0.57 9.27 4.50
N HIS F 105 0.94 10.28 3.72
CA HIS F 105 0.67 10.30 2.29
C HIS F 105 1.88 9.80 1.52
N ALA F 106 1.61 9.07 0.44
CA ALA F 106 2.68 8.57 -0.43
C ALA F 106 3.60 9.69 -0.86
N ASP F 107 4.91 9.45 -0.71
CA ASP F 107 5.97 10.37 -1.12
C ASP F 107 5.95 11.68 -0.35
N VAL F 108 5.30 11.72 0.80
CA VAL F 108 5.28 12.91 1.65
C VAL F 108 5.84 12.52 3.01
N LYS F 109 7.00 13.07 3.36
CA LYS F 109 7.69 12.62 4.57
C LYS F 109 6.98 13.09 5.84
N ALA F 110 6.44 14.30 5.83
CA ALA F 110 5.76 14.84 7.00
C ALA F 110 4.35 14.31 7.06
N PRO F 111 3.96 13.60 8.14
CA PRO F 111 2.59 13.13 8.28
C PRO F 111 1.60 14.26 8.58
N GLU F 112 0.33 13.96 8.31
CA GLU F 112 -0.78 14.76 8.80
C GLU F 112 -1.18 14.24 10.17
N PHE F 113 -1.48 15.16 11.09
CA PHE F 113 -1.80 14.76 12.46
C PHE F 113 -3.24 15.10 12.78
N GLY F 114 -3.85 14.29 13.63
CA GLY F 114 -5.22 14.50 14.04
C GLY F 114 -6.13 13.37 13.58
N PRO F 115 -7.15 13.04 14.40
CA PRO F 115 -7.39 13.74 15.66
C PRO F 115 -6.56 13.21 16.83
N SER F 116 -6.47 14.01 17.89
CA SER F 116 -5.97 13.55 19.17
C SER F 116 -7.17 13.09 19.98
N CYS F 117 -7.09 11.90 20.56
CA CYS F 117 -8.25 11.23 21.12
C CYS F 117 -7.96 10.68 22.51
N LEU F 118 -9.04 10.44 23.25
CA LEU F 118 -9.02 9.63 24.46
C LEU F 118 -9.67 8.30 24.15
N VAL F 119 -9.02 7.21 24.56
CA VAL F 119 -9.52 5.86 24.32
C VAL F 119 -9.93 5.27 25.67
N HIS F 120 -11.24 5.09 25.86
CA HIS F 120 -11.77 4.51 27.10
C HIS F 120 -12.10 3.06 26.84
N ASP F 121 -11.34 2.16 27.46
CA ASP F 121 -11.45 0.72 27.22
C ASP F 121 -11.88 0.01 28.49
N VAL F 122 -12.59 -1.10 28.31
CA VAL F 122 -12.88 -2.04 29.38
C VAL F 122 -12.33 -3.39 28.95
N LEU F 123 -11.34 -3.88 29.70
CA LEU F 123 -10.63 -5.11 29.36
C LEU F 123 -11.11 -6.25 30.23
N VAL F 124 -11.28 -7.43 29.62
CA VAL F 124 -11.62 -8.65 30.33
C VAL F 124 -10.71 -9.75 29.80
N ARG F 125 -10.73 -10.89 30.49
CA ARG F 125 -9.88 -12.02 30.15
C ARG F 125 -10.72 -13.10 29.49
N GLY F 126 -10.24 -13.63 28.37
CA GLY F 126 -10.97 -14.62 27.61
C GLY F 126 -10.89 -16.01 28.22
N ALA F 127 -11.52 -16.96 27.51
CA ALA F 127 -11.54 -18.34 27.98
C ALA F 127 -10.15 -18.95 27.99
N ASP F 128 -9.28 -18.53 27.09
CA ASP F 128 -7.90 -19.00 27.04
C ASP F 128 -6.95 -18.10 27.82
N GLY F 129 -7.47 -17.23 28.68
CA GLY F 129 -6.63 -16.34 29.47
C GLY F 129 -6.10 -15.13 28.73
N GLU F 130 -6.45 -14.96 27.45
CA GLU F 130 -5.98 -13.81 26.69
C GLU F 130 -6.84 -12.59 26.99
N LEU F 131 -6.22 -11.42 26.85
CA LEU F 131 -6.95 -10.18 27.04
C LEU F 131 -7.90 -9.95 25.88
N LEU F 132 -9.03 -9.30 26.18
CA LEU F 132 -10.03 -8.98 25.16
C LEU F 132 -10.72 -7.69 25.57
N LEU F 133 -11.29 -7.01 24.58
CA LEU F 133 -11.94 -5.72 24.77
C LEU F 133 -13.44 -5.96 24.83
N ARG F 134 -14.03 -5.74 26.00
CA ARG F 134 -15.49 -5.73 26.09
C ARG F 134 -16.06 -4.49 25.42
N SER F 135 -15.45 -3.33 25.64
CA SER F 135 -15.94 -2.08 25.11
C SER F 135 -14.79 -1.12 24.83
N ARG F 136 -14.97 -0.29 23.81
CA ARG F 136 -14.03 0.78 23.49
C ARG F 136 -14.82 2.03 23.11
N HIS F 137 -14.58 3.12 23.83
CA HIS F 137 -15.21 4.41 23.56
C HIS F 137 -14.13 5.45 23.27
N VAL F 138 -14.21 6.07 22.10
CA VAL F 138 -13.22 7.05 21.65
C VAL F 138 -13.87 8.43 21.63
N THR F 139 -13.23 9.40 22.30
CA THR F 139 -13.63 10.79 22.25
C THR F 139 -12.53 11.62 21.59
N HIS F 140 -12.92 12.76 21.00
CA HIS F 140 -12.00 13.61 20.26
C HIS F 140 -11.72 14.89 21.03
N ASP F 141 -10.43 15.21 21.18
CA ASP F 141 -10.02 16.35 22.01
C ASP F 141 -10.46 17.69 21.43
N HIS F 142 -10.66 17.77 20.11
CA HIS F 142 -11.06 19.03 19.50
C HIS F 142 -12.56 19.26 19.51
N VAL F 143 -13.34 18.30 20.01
CA VAL F 143 -14.79 18.46 20.08
C VAL F 143 -15.20 18.86 21.50
#